data_7M1H
#
_entry.id   7M1H
#
_cell.length_a   77.590
_cell.length_b   93.983
_cell.length_c   231.748
_cell.angle_alpha   90.000
_cell.angle_beta   90.000
_cell.angle_gamma   90.000
#
_symmetry.space_group_name_H-M   'P 2 21 21'
#
loop_
_entity.id
_entity.type
_entity.pdbx_description
1 polymer 'Botulinum neurotoxin A light chain'
2 polymer JPU-D12
3 polymer ciA-F12
4 polymer ciA-D12
5 polymer JPU-G3
6 polymer JPU-C10
7 polymer JPU-B8
8 non-polymer 'ZINC ION'
9 water water
#
loop_
_entity_poly.entity_id
_entity_poly.type
_entity_poly.pdbx_seq_one_letter_code
_entity_poly.pdbx_strand_id
1 'polypeptide(L)'
;GPLGSPEFPFVNKQFNYKDPVNGVDIAYIKIPNVGQMQPVKAFKIHNKIWVIPERDTFTNPEEGDLNPPPEAKQVPVSYY
DSTYLSTDNEKDNYLKGVTKLFERIYSTDLGRMLLTSIVRGIPFWGGSTIDTELKVIDTNCINVIQPDGSYRSEELNLVI
IGPSADIIQFECKSFGHEVLNLTRNGYGSTQYIRFSPDFTFGFEESLEVDTNPLLGAGKFATDPAVTLAHELIHAGHRLY
GIAINPNRVFKVNTNAYYEMSGLEVSFEELRTFGGHDAKFIDSLQENEFRLYYYNKFKDIASTLNKAKSIVGTTASLQYM
KNVFKEKYLLSEDTSGKFSVDKLKFDKLYKMLTEIYTEDNFVKFFKVLNRKTYLNFDKAVFKINIVPKVNYTIYDGFNLR
NTNLAANFNGQNTEINNMNFTKLKNFTGLFEFYKLLCVRGIITSK
;
A
2 'polypeptide(L)'
;GPLGSQLQLVESGGGTVQPGGTLRLSCAASGFTLDEYAIGWFRQAPGKEREGVSCISSSASISYADSVKGRFTISRDNAK
NTVYLTMNSLKPEDTGVYYCARAFLACGPVAGWGTEYDYWGQGTQVTVSS
;
B
3 'polypeptide(L)'
;GPLGSQVQLVESGGGLVQPGGSLRLSCAASGFTLGSRYMSWVRQAPGEGFEWVSSIEPSGTAWDGDSAKGRFTTSRDDAK
NTLYLQMSNLQPEDTGVYYCATGYRTDTRIPGGSWGQGTQVTVSSEPKTPKPQ
;
C
4 'polypeptide(L)'
;GSQVQLVESGGGLVQPGGSLRLSCVVSGSDFNTYIMGWYRQVPGKPRELVADITTEGKTNYGGSVKGRFTISRDNAKNTV
YLQMFGLKPEDAGNYVCNADWKMGAWTAGDYGIDYWGKGTLVTVSSGPKTPKPQ
;
D
5 'polypeptide(L)'
;GPLGSQVQLAETGGGLVQPGGSLRLSCTASTTISDFYSMGWFRQTPGNQRELVAIVRRGGDTKSGDSVKGRFTISRDNTR
STVYLQMDNLKPEDTAVYYCYANLQKSSDELGPYYWGQGTQVTVSS
;
E
6 'polypeptide(L)'
;GPLGSQLQLVESGGGLVQPGGSLRLSCAASGNIFSIYYMGWYRQAPGKQREMVAIINSNGITNYGDFVKGRFTISRDNAE
NSAYLQMNNLTPEDTAVYYCNAGKLRRTTGWGLDDYWGQGTQVTVSS
;
F
7 'polypeptide(L)'
;GPLGSQVQLVESGGGLVQPGGSLRLSCAASGSIFSIYAMGWYRQAPGKQRELVAAISSYGSTNYADSVKGRFTISRDNAK
NTVYLQMNSLKPEDTAVYYCNADIATMTAVGGFDYWGQGTQVTVSS
;
G
#
loop_
_chem_comp.id
_chem_comp.type
_chem_comp.name
_chem_comp.formula
ZN non-polymer 'ZINC ION' 'Zn 2'
#
# COMPACT_ATOMS: atom_id res chain seq x y z
N PRO A 9 -8.63 14.82 9.98
CA PRO A 9 -8.88 13.42 10.31
C PRO A 9 -8.88 12.52 9.06
N PHE A 10 -7.85 11.69 8.92
CA PHE A 10 -7.69 10.88 7.73
C PHE A 10 -8.47 9.58 7.78
N VAL A 11 -8.52 8.94 8.95
CA VAL A 11 -9.27 7.70 9.14
C VAL A 11 -10.42 8.02 10.07
N ASN A 12 -11.64 8.02 9.53
CA ASN A 12 -12.82 8.41 10.31
C ASN A 12 -13.41 7.26 11.11
N LYS A 13 -13.28 6.03 10.64
CA LYS A 13 -13.78 4.86 11.34
C LYS A 13 -12.62 4.09 11.98
N GLN A 14 -12.90 3.47 13.12
CA GLN A 14 -11.94 2.62 13.81
C GLN A 14 -12.25 1.17 13.44
N PHE A 15 -11.43 0.61 12.57
CA PHE A 15 -11.66 -0.73 12.06
C PHE A 15 -11.10 -1.78 13.00
N ASN A 16 -11.89 -2.83 13.23
CA ASN A 16 -11.44 -4.04 13.89
C ASN A 16 -11.52 -5.18 12.89
N TYR A 17 -10.51 -6.05 12.89
CA TYR A 17 -10.40 -7.06 11.85
C TYR A 17 -11.59 -8.02 11.85
N LYS A 18 -12.12 -8.33 13.03
CA LYS A 18 -13.23 -9.27 13.12
C LYS A 18 -14.59 -8.63 12.84
N ASP A 19 -14.64 -7.33 12.54
CA ASP A 19 -15.90 -6.70 12.22
C ASP A 19 -16.49 -7.32 10.95
N PRO A 20 -17.80 -7.54 10.90
CA PRO A 20 -18.39 -8.16 9.70
C PRO A 20 -18.29 -7.24 8.50
N VAL A 21 -18.45 -7.84 7.32
CA VAL A 21 -18.33 -7.09 6.08
C VAL A 21 -19.61 -6.30 5.82
N ASN A 22 -19.51 -5.34 4.92
CA ASN A 22 -20.67 -4.53 4.51
C ASN A 22 -20.70 -4.22 3.02
N GLY A 23 -19.67 -4.59 2.27
CA GLY A 23 -19.61 -4.28 0.85
C GLY A 23 -19.23 -2.85 0.52
N VAL A 24 -18.98 -2.02 1.53
CA VAL A 24 -18.67 -0.61 1.32
C VAL A 24 -17.22 -0.33 1.70
N ASP A 25 -16.92 -0.39 3.01
CA ASP A 25 -15.56 -0.18 3.49
C ASP A 25 -14.94 -1.41 4.15
N ILE A 26 -15.72 -2.46 4.40
CA ILE A 26 -15.20 -3.74 4.87
C ILE A 26 -15.82 -4.82 4.00
N ALA A 27 -15.00 -5.58 3.29
CA ALA A 27 -15.52 -6.59 2.38
C ALA A 27 -14.39 -7.53 1.97
N TYR A 28 -14.77 -8.67 1.40
CA TYR A 28 -13.83 -9.56 0.75
C TYR A 28 -13.68 -9.13 -0.71
N ILE A 29 -12.44 -9.04 -1.17
CA ILE A 29 -12.15 -8.49 -2.49
C ILE A 29 -11.33 -9.48 -3.29
N LYS A 30 -11.54 -9.45 -4.61
CA LYS A 30 -10.66 -10.09 -5.57
C LYS A 30 -10.03 -9.02 -6.45
N ILE A 31 -8.77 -9.21 -6.81
CA ILE A 31 -8.06 -8.29 -7.70
C ILE A 31 -8.18 -8.84 -9.12
N PRO A 32 -8.64 -8.04 -10.08
CA PRO A 32 -8.89 -8.59 -11.42
C PRO A 32 -7.65 -9.15 -12.10
N ASN A 33 -6.48 -8.55 -11.85
CA ASN A 33 -5.28 -8.97 -12.55
C ASN A 33 -4.92 -10.41 -12.20
N VAL A 34 -4.96 -10.75 -10.92
CA VAL A 34 -4.67 -12.13 -10.53
C VAL A 34 -5.87 -13.00 -10.86
N GLY A 35 -6.95 -12.88 -10.08
CA GLY A 35 -8.16 -13.60 -10.39
C GLY A 35 -8.15 -15.04 -9.94
N GLN A 36 -6.95 -15.59 -9.75
CA GLN A 36 -6.80 -16.94 -9.22
C GLN A 36 -6.76 -16.98 -7.70
N MET A 37 -6.61 -15.82 -7.05
CA MET A 37 -6.61 -15.78 -5.60
C MET A 37 -8.00 -16.07 -5.05
N GLN A 38 -8.04 -16.63 -3.84
CA GLN A 38 -9.33 -16.63 -3.16
C GLN A 38 -9.52 -15.28 -2.45
N PRO A 39 -10.77 -14.82 -2.36
CA PRO A 39 -11.01 -13.46 -1.83
C PRO A 39 -10.39 -13.26 -0.45
N VAL A 40 -9.89 -12.05 -0.22
CA VAL A 40 -9.26 -11.69 1.04
C VAL A 40 -10.05 -10.53 1.66
N LYS A 41 -10.05 -10.49 2.98
CA LYS A 41 -10.78 -9.45 3.70
C LYS A 41 -9.98 -8.15 3.66
N ALA A 42 -10.60 -7.08 3.17
CA ALA A 42 -9.95 -5.79 3.01
C ALA A 42 -10.77 -4.70 3.68
N PHE A 43 -10.09 -3.60 4.03
CA PHE A 43 -10.70 -2.48 4.73
C PHE A 43 -10.38 -1.19 4.00
N LYS A 44 -11.38 -0.33 3.86
CA LYS A 44 -11.23 0.95 3.15
C LYS A 44 -11.06 2.04 4.20
N ILE A 45 -9.82 2.40 4.49
CA ILE A 45 -9.55 3.37 5.55
C ILE A 45 -9.77 4.81 5.09
N HIS A 46 -9.86 5.04 3.78
CA HIS A 46 -10.02 6.37 3.24
C HIS A 46 -10.49 6.23 1.80
N ASN A 47 -10.82 7.37 1.19
CA ASN A 47 -11.14 7.37 -0.24
C ASN A 47 -9.94 6.86 -1.03
N LYS A 48 -10.19 5.84 -1.87
CA LYS A 48 -9.21 5.27 -2.80
C LYS A 48 -8.07 4.54 -2.10
N ILE A 49 -8.15 4.30 -0.79
CA ILE A 49 -7.07 3.66 -0.05
C ILE A 49 -7.64 2.47 0.72
N TRP A 50 -7.10 1.29 0.45
CA TRP A 50 -7.52 0.06 1.10
C TRP A 50 -6.35 -0.57 1.84
N VAL A 51 -6.66 -1.43 2.80
CA VAL A 51 -5.67 -2.18 3.57
C VAL A 51 -6.08 -3.64 3.60
N ILE A 52 -5.14 -4.53 3.31
CA ILE A 52 -5.35 -5.97 3.37
C ILE A 52 -4.36 -6.55 4.38
N PRO A 53 -4.81 -6.82 5.61
CA PRO A 53 -3.92 -7.26 6.68
C PRO A 53 -3.50 -8.72 6.60
N GLU A 54 -2.98 -9.12 5.43
CA GLU A 54 -2.54 -10.48 5.20
C GLU A 54 -1.18 -10.48 4.53
N ARG A 55 -0.45 -11.57 4.73
CA ARG A 55 0.82 -11.77 4.03
C ARG A 55 0.57 -11.91 2.53
N ASP A 56 1.37 -11.20 1.75
CA ASP A 56 1.18 -11.15 0.30
C ASP A 56 1.65 -12.47 -0.31
N THR A 57 0.69 -13.37 -0.51
CA THR A 57 0.93 -14.60 -1.26
C THR A 57 0.01 -14.71 -2.46
N PHE A 58 -0.66 -13.62 -2.85
CA PHE A 58 -1.66 -13.68 -3.90
C PHE A 58 -1.37 -12.77 -5.08
N THR A 59 -0.73 -11.61 -4.87
CA THR A 59 -0.51 -10.69 -5.99
C THR A 59 0.44 -11.28 -7.02
N ASN A 60 1.51 -11.93 -6.58
CA ASN A 60 2.47 -12.53 -7.49
C ASN A 60 2.31 -14.04 -7.46
N PRO A 61 1.86 -14.68 -8.55
CA PRO A 61 1.73 -16.14 -8.53
C PRO A 61 3.05 -16.88 -8.40
N GLU A 62 4.17 -16.25 -8.74
CA GLU A 62 5.47 -16.86 -8.53
C GLU A 62 6.00 -16.64 -7.12
N GLU A 63 5.23 -15.96 -6.26
CA GLU A 63 5.58 -15.77 -4.85
C GLU A 63 4.33 -16.11 -4.02
N GLY A 64 3.95 -17.37 -4.06
CA GLY A 64 2.73 -17.84 -3.42
C GLY A 64 2.90 -18.54 -2.09
N ASP A 65 4.11 -18.58 -1.54
CA ASP A 65 4.35 -19.16 -0.23
C ASP A 65 5.36 -18.31 0.52
N LEU A 66 5.47 -18.56 1.82
CA LEU A 66 6.39 -17.84 2.69
C LEU A 66 7.66 -18.63 3.00
N ASN A 67 7.99 -19.61 2.16
CA ASN A 67 9.18 -20.43 2.40
C ASN A 67 10.44 -19.60 2.18
N PRO A 68 11.34 -19.54 3.15
CA PRO A 68 12.58 -18.80 2.97
C PRO A 68 13.57 -19.58 2.12
N PRO A 69 14.46 -18.90 1.41
CA PRO A 69 15.53 -19.60 0.71
C PRO A 69 16.53 -20.18 1.69
N PRO A 70 17.40 -21.09 1.24
CA PRO A 70 18.42 -21.64 2.15
C PRO A 70 19.26 -20.52 2.76
N GLU A 71 19.78 -20.79 3.97
CA GLU A 71 20.41 -19.76 4.77
C GLU A 71 21.54 -19.06 4.02
N ALA A 72 22.31 -19.80 3.23
CA ALA A 72 23.44 -19.20 2.53
C ALA A 72 22.99 -18.25 1.43
N LYS A 73 21.85 -18.53 0.80
CA LYS A 73 21.36 -17.73 -0.31
C LYS A 73 20.44 -16.59 0.10
N GLN A 74 20.38 -16.27 1.39
CA GLN A 74 19.53 -15.20 1.87
C GLN A 74 20.24 -13.86 1.80
N VAL A 75 19.51 -12.84 1.38
CA VAL A 75 20.05 -11.48 1.35
C VAL A 75 20.48 -11.09 2.76
N PRO A 76 21.65 -10.47 2.95
CA PRO A 76 22.09 -10.12 4.31
C PRO A 76 21.06 -9.33 5.10
N VAL A 77 20.37 -8.39 4.47
CA VAL A 77 19.27 -7.66 5.09
C VAL A 77 17.98 -8.36 4.69
N SER A 78 17.50 -9.23 5.57
CA SER A 78 16.26 -9.98 5.36
C SER A 78 15.85 -10.60 6.68
N TYR A 79 14.57 -10.96 6.78
CA TYR A 79 14.05 -11.60 7.97
C TYR A 79 12.85 -12.45 7.59
N TYR A 80 12.80 -13.68 8.12
CA TYR A 80 11.78 -14.63 7.75
C TYR A 80 11.08 -15.17 8.99
N ASP A 81 9.75 -15.21 8.95
CA ASP A 81 8.95 -15.78 10.03
C ASP A 81 7.59 -16.12 9.42
N SER A 82 7.39 -17.39 9.08
CA SER A 82 6.17 -17.80 8.39
C SER A 82 4.93 -17.67 9.25
N THR A 83 5.08 -17.61 10.57
CA THR A 83 3.94 -17.48 11.47
C THR A 83 3.48 -16.06 11.68
N TYR A 84 4.26 -15.07 11.24
CA TYR A 84 3.87 -13.68 11.43
C TYR A 84 2.64 -13.35 10.60
N LEU A 85 1.73 -12.57 11.20
CA LEU A 85 0.52 -12.09 10.54
C LEU A 85 -0.37 -13.24 10.11
N SER A 86 -0.43 -14.28 10.95
CA SER A 86 -1.29 -15.43 10.69
C SER A 86 -2.49 -15.52 11.62
N THR A 87 -2.45 -14.88 12.78
CA THR A 87 -3.56 -14.87 13.72
C THR A 87 -4.40 -13.62 13.54
N ASP A 88 -5.64 -13.69 14.06
CA ASP A 88 -6.55 -12.56 13.91
C ASP A 88 -6.10 -11.36 14.75
N ASN A 89 -5.40 -11.60 15.86
CA ASN A 89 -4.91 -10.50 16.66
C ASN A 89 -3.75 -9.77 15.98
N GLU A 90 -2.88 -10.52 15.31
CA GLU A 90 -1.81 -9.88 14.55
C GLU A 90 -2.37 -9.05 13.41
N LYS A 91 -3.38 -9.55 12.71
CA LYS A 91 -3.99 -8.79 11.62
C LYS A 91 -4.71 -7.56 12.15
N ASP A 92 -5.41 -7.70 13.28
CA ASP A 92 -6.09 -6.54 13.87
C ASP A 92 -5.08 -5.51 14.37
N ASN A 93 -3.96 -5.97 14.94
CA ASN A 93 -2.93 -5.04 15.36
C ASN A 93 -2.19 -4.46 14.17
N TYR A 94 -2.02 -5.25 13.10
CA TYR A 94 -1.48 -4.71 11.86
C TYR A 94 -2.37 -3.60 11.31
N LEU A 95 -3.68 -3.80 11.36
CA LEU A 95 -4.61 -2.80 10.83
C LEU A 95 -4.57 -1.51 11.64
N LYS A 96 -4.55 -1.63 12.97
CA LYS A 96 -4.49 -0.44 13.81
C LYS A 96 -3.14 0.26 13.69
N GLY A 97 -2.07 -0.50 13.47
CA GLY A 97 -0.76 0.11 13.35
C GLY A 97 -0.58 0.87 12.04
N VAL A 98 -1.16 0.36 10.96
CA VAL A 98 -1.06 1.03 9.67
C VAL A 98 -1.90 2.31 9.67
N THR A 99 -3.11 2.25 10.23
CA THR A 99 -3.94 3.45 10.30
C THR A 99 -3.31 4.51 11.19
N LYS A 100 -2.66 4.09 12.27
CA LYS A 100 -1.99 5.04 13.16
C LYS A 100 -0.84 5.73 12.46
N LEU A 101 -0.11 4.99 11.60
CA LEU A 101 0.96 5.61 10.83
C LEU A 101 0.41 6.59 9.79
N PHE A 102 -0.74 6.26 9.20
CA PHE A 102 -1.36 7.17 8.25
C PHE A 102 -1.75 8.48 8.92
N GLU A 103 -2.27 8.41 10.14
CA GLU A 103 -2.64 9.64 10.85
C GLU A 103 -1.40 10.45 11.24
N ARG A 104 -0.32 9.75 11.63
CA ARG A 104 0.92 10.47 11.96
C ARG A 104 1.48 11.17 10.73
N ILE A 105 1.43 10.50 9.57
CA ILE A 105 1.82 11.17 8.33
C ILE A 105 0.88 12.32 8.03
N TYR A 106 -0.43 12.12 8.22
CA TYR A 106 -1.41 13.15 7.96
C TYR A 106 -1.32 14.32 8.94
N SER A 107 -0.74 14.10 10.12
CA SER A 107 -0.63 15.15 11.12
C SER A 107 0.39 16.21 10.75
N THR A 108 1.20 15.98 9.71
CA THR A 108 2.12 16.97 9.19
C THR A 108 1.57 17.53 7.87
N ASP A 109 1.82 18.81 7.63
CA ASP A 109 1.34 19.42 6.40
C ASP A 109 2.00 18.80 5.17
N LEU A 110 3.25 18.35 5.31
CA LEU A 110 3.91 17.65 4.21
C LEU A 110 3.21 16.33 3.91
N GLY A 111 2.90 15.56 4.96
CA GLY A 111 2.20 14.30 4.76
C GLY A 111 0.76 14.50 4.31
N ARG A 112 0.12 15.55 4.80
CA ARG A 112 -1.24 15.86 4.33
C ARG A 112 -1.25 16.19 2.85
N MET A 113 -0.23 16.92 2.38
CA MET A 113 -0.14 17.25 0.97
C MET A 113 0.17 16.02 0.13
N LEU A 114 1.04 15.14 0.65
CA LEU A 114 1.35 13.89 -0.05
C LEU A 114 0.12 13.01 -0.19
N LEU A 115 -0.59 12.79 0.93
CA LEU A 115 -1.79 11.97 0.89
C LEU A 115 -2.88 12.59 0.03
N THR A 116 -2.96 13.92 -0.02
CA THR A 116 -3.91 14.58 -0.92
C THR A 116 -3.56 14.29 -2.37
N SER A 117 -2.27 14.38 -2.72
CA SER A 117 -1.85 14.08 -4.08
C SER A 117 -2.09 12.61 -4.43
N ILE A 118 -1.93 11.72 -3.46
CA ILE A 118 -2.18 10.31 -3.70
C ILE A 118 -3.66 10.07 -3.97
N VAL A 119 -4.53 10.73 -3.21
CA VAL A 119 -5.97 10.51 -3.34
C VAL A 119 -6.45 10.97 -4.71
N ARG A 120 -6.07 12.18 -5.12
CA ARG A 120 -6.53 12.72 -6.39
C ARG A 120 -5.74 12.22 -7.59
N GLY A 121 -4.77 11.32 -7.37
CA GLY A 121 -4.02 10.76 -8.48
C GLY A 121 -4.68 9.54 -9.09
N ILE A 122 -5.91 9.71 -9.54
CA ILE A 122 -6.68 8.59 -10.10
C ILE A 122 -6.01 8.11 -11.38
N PRO A 123 -5.74 6.80 -11.52
CA PRO A 123 -5.15 6.32 -12.78
C PRO A 123 -6.04 6.64 -13.98
N PHE A 124 -5.38 6.93 -15.10
CA PHE A 124 -6.07 7.49 -16.26
C PHE A 124 -6.96 6.45 -16.95
N TRP A 125 -8.06 6.94 -17.51
CA TRP A 125 -9.00 6.11 -18.27
C TRP A 125 -8.54 6.06 -19.73
N GLY A 126 -7.56 5.21 -19.99
CA GLY A 126 -7.02 5.08 -21.32
C GLY A 126 -6.79 3.66 -21.76
N GLY A 127 -7.82 2.81 -21.61
CA GLY A 127 -7.69 1.40 -21.94
C GLY A 127 -8.45 0.99 -23.18
N SER A 128 -9.11 1.94 -23.83
CA SER A 128 -9.90 1.65 -25.01
C SER A 128 -9.04 1.64 -26.27
N THR A 129 -9.34 0.70 -27.17
CA THR A 129 -8.66 0.68 -28.46
C THR A 129 -9.11 1.85 -29.33
N ILE A 130 -10.36 2.30 -29.16
CA ILE A 130 -10.84 3.46 -29.90
C ILE A 130 -10.22 4.71 -29.30
N ASP A 131 -9.65 5.56 -30.16
CA ASP A 131 -8.91 6.72 -29.68
C ASP A 131 -9.82 7.81 -29.12
N THR A 132 -11.11 7.80 -29.47
CA THR A 132 -12.05 8.82 -29.03
C THR A 132 -12.94 8.35 -27.88
N GLU A 133 -12.57 7.27 -27.21
CA GLU A 133 -13.37 6.68 -26.15
C GLU A 133 -12.52 6.51 -24.90
N LEU A 134 -13.06 6.92 -23.75
CA LEU A 134 -12.40 6.73 -22.47
C LEU A 134 -12.92 5.44 -21.83
N LYS A 135 -12.00 4.58 -21.41
CA LYS A 135 -12.35 3.33 -20.76
C LYS A 135 -11.39 3.07 -19.61
N VAL A 136 -11.93 2.51 -18.52
CA VAL A 136 -11.11 2.18 -17.36
C VAL A 136 -10.18 1.02 -17.71
N ILE A 137 -9.14 0.85 -16.89
CA ILE A 137 -8.15 -0.20 -17.08
C ILE A 137 -8.28 -1.20 -15.93
N ASP A 138 -8.21 -2.50 -16.27
CA ASP A 138 -8.36 -3.56 -15.28
C ASP A 138 -7.28 -3.50 -14.19
N THR A 139 -6.16 -2.83 -14.46
CA THR A 139 -5.09 -2.74 -13.48
C THR A 139 -5.50 -1.91 -12.27
N ASN A 140 -6.40 -0.95 -12.46
CA ASN A 140 -6.69 0.07 -11.46
C ASN A 140 -8.03 -0.15 -10.76
N CYS A 141 -8.47 -1.40 -10.65
CA CYS A 141 -9.75 -1.70 -10.03
C CYS A 141 -9.62 -2.94 -9.15
N ILE A 142 -10.63 -3.13 -8.29
CA ILE A 142 -10.80 -4.34 -7.51
C ILE A 142 -12.28 -4.69 -7.48
N ASN A 143 -12.57 -5.97 -7.28
CA ASN A 143 -13.94 -6.47 -7.20
C ASN A 143 -14.33 -6.59 -5.73
N VAL A 144 -15.31 -5.81 -5.32
CA VAL A 144 -15.75 -5.73 -3.92
C VAL A 144 -17.00 -6.60 -3.78
N ILE A 145 -16.87 -7.71 -3.05
CA ILE A 145 -17.99 -8.63 -2.85
C ILE A 145 -18.94 -8.05 -1.81
N GLN A 146 -20.24 -8.09 -2.10
CA GLN A 146 -21.27 -7.52 -1.26
C GLN A 146 -21.95 -8.60 -0.42
N PRO A 147 -22.64 -8.20 0.66
CA PRO A 147 -23.46 -9.18 1.38
C PRO A 147 -24.55 -9.81 0.51
N ASP A 148 -24.97 -9.12 -0.54
CA ASP A 148 -25.92 -9.70 -1.50
C ASP A 148 -25.33 -10.87 -2.27
N GLY A 149 -24.03 -11.10 -2.19
CA GLY A 149 -23.35 -12.01 -3.06
C GLY A 149 -22.85 -11.39 -4.36
N SER A 150 -23.45 -10.28 -4.77
CA SER A 150 -22.98 -9.56 -5.94
C SER A 150 -21.62 -8.93 -5.68
N TYR A 151 -20.91 -8.61 -6.76
CA TYR A 151 -19.62 -7.96 -6.68
C TYR A 151 -19.65 -6.67 -7.48
N ARG A 152 -19.02 -5.64 -6.92
CA ARG A 152 -19.00 -4.30 -7.51
C ARG A 152 -17.56 -3.93 -7.86
N SER A 153 -17.35 -3.54 -9.12
CA SER A 153 -16.03 -3.11 -9.55
C SER A 153 -15.79 -1.69 -9.06
N GLU A 154 -14.73 -1.51 -8.27
CA GLU A 154 -14.41 -0.21 -7.67
C GLU A 154 -12.98 0.16 -8.00
N GLU A 155 -12.79 1.33 -8.60
CA GLU A 155 -11.46 1.82 -8.88
C GLU A 155 -10.83 2.42 -7.63
N LEU A 156 -9.51 2.30 -7.53
CA LEU A 156 -8.79 2.65 -6.31
C LEU A 156 -7.37 3.07 -6.68
N ASN A 157 -6.71 3.72 -5.72
CA ASN A 157 -5.37 4.27 -5.94
C ASN A 157 -4.28 3.52 -5.21
N LEU A 158 -4.53 3.03 -4.00
CA LEU A 158 -3.46 2.50 -3.16
C LEU A 158 -3.99 1.38 -2.27
N VAL A 159 -3.18 0.33 -2.12
CA VAL A 159 -3.49 -0.80 -1.26
C VAL A 159 -2.27 -1.12 -0.41
N ILE A 160 -2.47 -1.21 0.89
CA ILE A 160 -1.43 -1.60 1.83
C ILE A 160 -1.61 -3.08 2.14
N ILE A 161 -0.58 -3.88 1.88
CA ILE A 161 -0.63 -5.32 2.09
C ILE A 161 0.55 -5.75 2.94
N GLY A 162 0.37 -6.85 3.67
CA GLY A 162 1.42 -7.40 4.48
C GLY A 162 2.56 -7.96 3.65
N PRO A 163 3.72 -8.14 4.27
CA PRO A 163 4.89 -8.56 3.52
C PRO A 163 4.75 -10.00 3.01
N SER A 164 5.59 -10.33 2.05
CA SER A 164 5.64 -11.70 1.51
C SER A 164 6.58 -12.54 2.36
N ALA A 165 7.40 -13.36 1.72
CA ALA A 165 8.35 -14.21 2.43
C ALA A 165 9.31 -13.37 3.26
N ASP A 166 10.05 -12.47 2.60
CA ASP A 166 10.94 -11.55 3.30
C ASP A 166 10.10 -10.49 3.99
N ILE A 167 10.08 -10.52 5.32
CA ILE A 167 9.18 -9.66 6.08
C ILE A 167 9.54 -8.19 5.89
N ILE A 168 10.83 -7.89 5.81
CA ILE A 168 11.29 -6.50 5.76
C ILE A 168 11.61 -6.07 4.33
N GLN A 169 11.12 -6.80 3.32
CA GLN A 169 11.29 -6.37 1.94
C GLN A 169 10.09 -5.51 1.53
N PHE A 170 10.06 -4.30 2.11
CA PHE A 170 9.02 -3.35 1.78
C PHE A 170 9.24 -2.79 0.38
N GLU A 171 8.16 -2.64 -0.37
CA GLU A 171 8.25 -2.17 -1.74
C GLU A 171 6.88 -1.72 -2.21
N CYS A 172 6.87 -0.94 -3.28
CA CYS A 172 5.66 -0.41 -3.88
C CYS A 172 5.58 -0.92 -5.32
N LYS A 173 4.63 -1.81 -5.58
CA LYS A 173 4.49 -2.46 -6.88
C LYS A 173 3.13 -2.14 -7.47
N SER A 174 2.96 -2.53 -8.74
CA SER A 174 1.70 -2.37 -9.44
C SER A 174 1.68 -3.38 -10.58
N PHE A 175 0.46 -3.68 -11.05
CA PHE A 175 0.30 -4.63 -12.13
C PHE A 175 0.59 -3.95 -13.47
N GLY A 176 1.32 -4.66 -14.32
CA GLY A 176 1.74 -4.08 -15.58
C GLY A 176 0.69 -4.26 -16.68
N HIS A 177 0.60 -3.27 -17.55
CA HIS A 177 -0.30 -3.34 -18.69
C HIS A 177 0.36 -4.15 -19.82
N GLU A 178 -0.49 -4.71 -20.67
CA GLU A 178 0.02 -5.56 -21.75
C GLU A 178 0.77 -4.74 -22.80
N VAL A 179 0.37 -3.48 -23.00
CA VAL A 179 0.95 -2.64 -24.03
C VAL A 179 1.65 -1.42 -23.46
N LEU A 180 1.05 -0.76 -22.47
CA LEU A 180 1.53 0.52 -21.96
C LEU A 180 2.40 0.33 -20.73
N ASN A 181 3.20 1.36 -20.44
CA ASN A 181 3.96 1.47 -19.19
C ASN A 181 3.21 2.47 -18.33
N LEU A 182 2.25 1.97 -17.55
CA LEU A 182 1.37 2.84 -16.78
C LEU A 182 2.14 3.71 -15.79
N THR A 183 3.25 3.19 -15.24
CA THR A 183 4.04 3.94 -14.28
C THR A 183 4.93 4.99 -14.91
N ARG A 184 5.10 4.97 -16.24
CA ARG A 184 6.02 5.89 -16.90
C ARG A 184 5.42 6.50 -18.17
N ASN A 185 4.09 6.65 -18.22
CA ASN A 185 3.45 7.33 -19.34
C ASN A 185 2.44 8.38 -18.90
N GLY A 186 2.45 8.78 -17.63
CA GLY A 186 1.50 9.73 -17.12
C GLY A 186 0.15 9.17 -16.73
N TYR A 187 -0.19 7.97 -17.23
CA TYR A 187 -1.49 7.37 -16.90
C TYR A 187 -1.58 7.05 -15.41
N GLY A 188 -0.58 6.38 -14.88
CA GLY A 188 -0.62 5.90 -13.52
C GLY A 188 -1.39 4.59 -13.37
N SER A 189 -1.17 3.93 -12.24
CA SER A 189 -1.84 2.67 -11.97
C SER A 189 -1.96 2.50 -10.45
N THR A 190 -2.92 1.66 -10.06
CA THR A 190 -3.13 1.38 -8.65
C THR A 190 -1.87 0.74 -8.05
N GLN A 191 -1.43 1.28 -6.93
CA GLN A 191 -0.19 0.85 -6.29
C GLN A 191 -0.48 -0.07 -5.12
N TYR A 192 0.30 -1.15 -5.02
CA TYR A 192 0.21 -2.11 -3.94
C TYR A 192 1.52 -2.08 -3.17
N ILE A 193 1.46 -1.68 -1.91
CA ILE A 193 2.65 -1.50 -1.06
C ILE A 193 2.71 -2.66 -0.08
N ARG A 194 3.75 -3.47 -0.18
CA ARG A 194 4.08 -4.44 0.85
C ARG A 194 4.74 -3.71 2.01
N PHE A 195 4.14 -3.77 3.18
CA PHE A 195 4.64 -3.01 4.33
C PHE A 195 4.14 -3.65 5.61
N SER A 196 4.91 -3.48 6.68
CA SER A 196 4.57 -3.99 8.00
C SER A 196 4.90 -2.94 9.05
N PRO A 197 3.95 -2.56 9.90
CA PRO A 197 4.24 -1.63 10.99
C PRO A 197 4.81 -2.30 12.24
N ASP A 198 4.99 -3.61 12.22
CA ASP A 198 5.42 -4.37 13.38
C ASP A 198 6.94 -4.57 13.43
N PHE A 199 7.66 -4.10 12.41
CA PHE A 199 9.11 -4.22 12.37
C PHE A 199 9.71 -2.91 11.93
N THR A 200 10.95 -2.65 12.34
CA THR A 200 11.66 -1.45 11.91
C THR A 200 13.15 -1.72 11.96
N PHE A 201 13.89 -0.93 11.19
CA PHE A 201 15.33 -1.13 11.04
C PHE A 201 16.11 -0.41 12.12
N GLY A 202 17.34 -0.89 12.36
CA GLY A 202 18.24 -0.24 13.28
C GLY A 202 19.39 0.42 12.56
N PHE A 203 19.56 1.73 12.76
CA PHE A 203 20.62 2.49 12.12
C PHE A 203 21.50 3.13 13.19
N GLU A 204 22.46 3.93 12.75
CA GLU A 204 23.40 4.57 13.66
C GLU A 204 23.39 6.08 13.46
N GLU A 205 23.68 6.81 14.54
CA GLU A 205 23.56 8.26 14.53
C GLU A 205 24.62 8.89 13.63
N SER A 206 25.85 8.40 13.67
CA SER A 206 26.92 8.99 12.90
C SER A 206 26.86 8.56 11.44
N LEU A 207 27.24 9.46 10.54
CA LEU A 207 27.21 9.16 9.11
C LEU A 207 28.34 8.22 8.72
N GLU A 208 29.56 8.50 9.19
CA GLU A 208 30.68 7.63 8.88
C GLU A 208 30.46 6.23 9.46
N VAL A 209 29.68 6.15 10.53
CA VAL A 209 29.37 4.87 11.16
C VAL A 209 28.25 4.15 10.40
N ASP A 210 27.18 4.89 10.08
CA ASP A 210 26.03 4.26 9.43
C ASP A 210 26.36 3.82 8.00
N THR A 211 27.29 4.50 7.33
CA THR A 211 27.69 4.13 5.98
C THR A 211 28.83 3.13 5.95
N ASN A 212 29.32 2.69 7.11
CA ASN A 212 30.34 1.65 7.15
C ASN A 212 29.71 0.32 7.48
N PRO A 213 29.98 -0.73 6.71
CA PRO A 213 29.31 -2.01 6.95
C PRO A 213 29.89 -2.82 8.09
N LEU A 214 31.09 -2.51 8.55
CA LEU A 214 31.77 -3.37 9.51
C LEU A 214 31.39 -3.10 10.96
N LEU A 215 30.98 -1.88 11.29
CA LEU A 215 30.68 -1.51 12.66
C LEU A 215 29.25 -0.95 12.75
N GLY A 216 28.63 -1.13 13.91
CA GLY A 216 27.28 -0.68 14.14
C GLY A 216 26.36 -1.81 14.55
N ALA A 217 25.50 -1.57 15.53
CA ALA A 217 24.60 -2.60 16.04
C ALA A 217 23.13 -2.22 15.96
N GLY A 218 22.80 -1.00 15.55
CA GLY A 218 21.42 -0.56 15.50
C GLY A 218 21.00 0.16 16.77
N LYS A 219 21.76 1.19 17.15
CA LYS A 219 21.47 1.91 18.39
C LYS A 219 20.16 2.66 18.32
N PHE A 220 19.80 3.18 17.15
CA PHE A 220 18.57 3.92 16.96
C PHE A 220 17.67 3.19 15.97
N ALA A 221 16.36 3.25 16.21
CA ALA A 221 15.37 2.56 15.40
C ALA A 221 14.65 3.53 14.48
N THR A 222 14.41 3.09 13.25
CA THR A 222 13.71 3.92 12.28
C THR A 222 12.25 4.09 12.68
N ASP A 223 11.75 5.31 12.62
CA ASP A 223 10.33 5.57 12.82
C ASP A 223 9.56 4.96 11.67
N PRO A 224 8.66 4.00 11.91
CA PRO A 224 7.94 3.37 10.79
C PRO A 224 7.08 4.33 9.98
N ALA A 225 6.78 5.51 10.53
CA ALA A 225 6.06 6.52 9.74
C ALA A 225 6.92 7.04 8.60
N VAL A 226 8.23 7.13 8.80
CA VAL A 226 9.14 7.52 7.73
C VAL A 226 9.22 6.42 6.68
N THR A 227 9.28 5.16 7.13
CA THR A 227 9.37 4.04 6.19
C THR A 227 8.11 3.94 5.33
N LEU A 228 6.95 4.21 5.91
CA LEU A 228 5.72 4.19 5.14
C LEU A 228 5.65 5.37 4.18
N ALA A 229 6.05 6.55 4.64
CA ALA A 229 6.07 7.73 3.76
C ALA A 229 7.01 7.53 2.58
N HIS A 230 8.08 6.75 2.76
CA HIS A 230 8.98 6.45 1.66
C HIS A 230 8.26 5.76 0.52
N GLU A 231 7.58 4.65 0.83
CA GLU A 231 6.85 3.92 -0.20
C GLU A 231 5.64 4.70 -0.70
N LEU A 232 5.07 5.58 0.13
CA LEU A 232 4.01 6.46 -0.35
C LEU A 232 4.54 7.42 -1.41
N ILE A 233 5.79 7.87 -1.26
CA ILE A 233 6.40 8.72 -2.27
C ILE A 233 6.59 7.95 -3.57
N HIS A 234 7.00 6.69 -3.48
CA HIS A 234 7.04 5.84 -4.67
C HIS A 234 5.66 5.72 -5.31
N ALA A 235 4.63 5.53 -4.49
CA ALA A 235 3.27 5.44 -5.01
C ALA A 235 2.83 6.75 -5.64
N GLY A 236 3.25 7.87 -5.06
CA GLY A 236 2.91 9.17 -5.64
C GLY A 236 3.51 9.36 -7.02
N HIS A 237 4.78 8.97 -7.18
CA HIS A 237 5.41 9.04 -8.50
C HIS A 237 4.67 8.16 -9.51
N ARG A 238 4.31 6.95 -9.10
CA ARG A 238 3.72 5.98 -10.02
C ARG A 238 2.24 6.25 -10.30
N LEU A 239 1.54 6.92 -9.39
CA LEU A 239 0.14 7.25 -9.64
C LEU A 239 -0.01 8.31 -10.73
N TYR A 240 0.96 9.20 -10.85
CA TYR A 240 0.97 10.21 -11.90
C TYR A 240 1.81 9.78 -13.09
N GLY A 241 2.33 8.55 -13.08
CA GLY A 241 3.06 8.02 -14.22
C GLY A 241 4.36 8.74 -14.52
N ILE A 242 5.07 9.18 -13.49
CA ILE A 242 6.31 9.93 -13.65
C ILE A 242 7.50 9.23 -12.99
N ALA A 243 7.35 7.95 -12.68
CA ALA A 243 8.44 7.21 -12.07
C ALA A 243 9.60 7.05 -13.04
N ILE A 244 10.82 7.19 -12.53
CA ILE A 244 12.01 7.02 -13.35
C ILE A 244 12.22 5.54 -13.62
N ASN A 245 12.64 5.22 -14.85
CA ASN A 245 12.85 3.84 -15.24
C ASN A 245 13.87 3.19 -14.32
N PRO A 246 13.56 2.01 -13.75
CA PRO A 246 14.51 1.37 -12.83
C PRO A 246 15.87 1.06 -13.44
N ASN A 247 15.99 0.99 -14.76
CA ASN A 247 17.29 0.75 -15.37
C ASN A 247 18.14 2.02 -15.43
N ARG A 248 17.52 3.19 -15.33
CA ARG A 248 18.27 4.43 -15.15
C ARG A 248 18.87 4.44 -13.75
N VAL A 249 20.18 4.27 -13.67
CA VAL A 249 20.85 3.88 -12.43
C VAL A 249 22.10 4.72 -12.24
N PHE A 250 22.40 5.04 -10.99
CA PHE A 250 23.64 5.70 -10.60
C PHE A 250 24.58 4.68 -9.96
N LYS A 251 25.69 4.40 -10.63
CA LYS A 251 26.71 3.51 -10.07
C LYS A 251 27.45 4.25 -8.97
N VAL A 252 27.35 3.75 -7.74
CA VAL A 252 27.86 4.48 -6.59
C VAL A 252 29.38 4.54 -6.62
N ASN A 253 29.92 5.74 -6.44
CA ASN A 253 31.36 5.95 -6.33
C ASN A 253 31.74 6.73 -5.08
N THR A 254 30.78 7.09 -4.22
CA THR A 254 31.06 7.79 -2.97
C THR A 254 31.38 6.83 -1.83
N ASN A 255 30.80 5.63 -1.83
CA ASN A 255 31.07 4.63 -0.81
C ASN A 255 32.01 3.58 -1.37
N ALA A 256 33.16 3.38 -0.71
CA ALA A 256 34.16 2.46 -1.21
C ALA A 256 33.66 1.01 -1.16
N TYR A 257 32.91 0.66 -0.13
CA TYR A 257 32.36 -0.69 -0.03
C TYR A 257 31.26 -0.92 -1.06
N TYR A 258 30.49 0.13 -1.36
CA TYR A 258 29.55 0.04 -2.48
C TYR A 258 30.27 -0.19 -3.80
N GLU A 259 31.40 0.50 -4.00
CA GLU A 259 32.14 0.38 -5.24
C GLU A 259 32.62 -1.05 -5.48
N MET A 260 33.36 -1.60 -4.51
CA MET A 260 33.94 -2.93 -4.68
C MET A 260 32.88 -4.00 -4.83
N SER A 261 31.70 -3.80 -4.27
CA SER A 261 30.59 -4.72 -4.50
C SER A 261 29.87 -4.45 -5.82
N GLY A 262 30.33 -3.47 -6.59
CA GLY A 262 29.65 -3.11 -7.82
C GLY A 262 28.24 -2.59 -7.63
N LEU A 263 27.92 -2.12 -6.43
CA LEU A 263 26.56 -1.71 -6.13
C LEU A 263 26.17 -0.48 -6.92
N GLU A 264 24.89 -0.42 -7.29
CA GLU A 264 24.32 0.71 -8.02
C GLU A 264 22.91 0.93 -7.51
N VAL A 265 22.49 2.19 -7.52
CA VAL A 265 21.21 2.60 -6.96
C VAL A 265 20.40 3.32 -8.03
N SER A 266 19.13 2.98 -8.15
CA SER A 266 18.27 3.56 -9.17
C SER A 266 18.01 5.04 -8.87
N PHE A 267 17.74 5.79 -9.94
CA PHE A 267 17.39 7.20 -9.79
C PHE A 267 16.09 7.37 -9.01
N GLU A 268 15.17 6.42 -9.14
CA GLU A 268 13.91 6.51 -8.42
C GLU A 268 14.11 6.47 -6.92
N GLU A 269 15.03 5.62 -6.44
CA GLU A 269 15.30 5.55 -5.01
C GLU A 269 16.03 6.80 -4.52
N LEU A 270 16.97 7.31 -5.32
CA LEU A 270 17.68 8.53 -4.94
C LEU A 270 16.73 9.72 -4.89
N ARG A 271 15.82 9.81 -5.86
CA ARG A 271 14.83 10.89 -5.85
C ARG A 271 13.88 10.75 -4.66
N THR A 272 13.49 9.52 -4.33
CA THR A 272 12.55 9.31 -3.23
C THR A 272 13.14 9.75 -1.90
N PHE A 273 14.42 9.45 -1.65
CA PHE A 273 15.06 9.90 -0.43
C PHE A 273 15.27 11.41 -0.44
N GLY A 274 15.65 11.97 -1.59
CA GLY A 274 15.91 13.39 -1.67
C GLY A 274 17.17 13.76 -0.93
N GLY A 275 17.16 14.94 -0.31
CA GLY A 275 18.33 15.40 0.44
C GLY A 275 19.54 15.51 -0.45
N HIS A 276 20.67 15.03 0.06
CA HIS A 276 21.91 15.05 -0.71
C HIS A 276 22.00 13.90 -1.70
N ASP A 277 21.17 12.87 -1.55
CA ASP A 277 21.21 11.74 -2.48
C ASP A 277 20.63 12.13 -3.84
N ALA A 278 19.62 13.00 -3.85
CA ALA A 278 19.01 13.41 -5.10
C ALA A 278 19.96 14.20 -5.99
N LYS A 279 21.09 14.66 -5.46
CA LYS A 279 22.05 15.42 -6.24
C LYS A 279 22.96 14.54 -7.08
N PHE A 280 22.90 13.22 -6.92
CA PHE A 280 23.66 12.33 -7.78
C PHE A 280 23.06 12.22 -9.18
N ILE A 281 21.79 12.58 -9.34
CA ILE A 281 21.19 12.75 -10.67
C ILE A 281 21.55 14.15 -11.15
N ASP A 282 22.40 14.23 -12.18
CA ASP A 282 22.81 15.54 -12.65
C ASP A 282 21.63 16.29 -13.26
N SER A 283 21.80 17.60 -13.43
CA SER A 283 20.71 18.43 -13.91
C SER A 283 20.28 18.06 -15.33
N LEU A 284 21.19 17.47 -16.12
CA LEU A 284 20.82 17.09 -17.47
C LEU A 284 19.83 15.93 -17.48
N GLN A 285 20.04 14.95 -16.60
CA GLN A 285 19.08 13.85 -16.50
C GLN A 285 17.76 14.29 -15.89
N GLU A 286 17.80 15.26 -14.97
CA GLU A 286 16.56 15.77 -14.39
C GLU A 286 15.72 16.50 -15.43
N ASN A 287 16.36 17.30 -16.27
CA ASN A 287 15.64 17.99 -17.34
C ASN A 287 15.09 17.01 -18.36
N GLU A 288 15.83 15.92 -18.61
CA GLU A 288 15.35 14.90 -19.53
C GLU A 288 14.03 14.29 -19.05
N PHE A 289 13.97 13.91 -17.77
CA PHE A 289 12.75 13.30 -17.24
C PHE A 289 11.61 14.30 -17.19
N ARG A 290 11.89 15.54 -16.76
CA ARG A 290 10.84 16.55 -16.62
C ARG A 290 10.23 16.88 -17.98
N LEU A 291 11.09 17.09 -18.99
CA LEU A 291 10.58 17.36 -20.34
C LEU A 291 9.87 16.15 -20.91
N TYR A 292 10.36 14.94 -20.57
CA TYR A 292 9.74 13.72 -21.05
C TYR A 292 8.32 13.58 -20.53
N TYR A 293 8.14 13.67 -19.22
CA TYR A 293 6.81 13.53 -18.63
C TYR A 293 5.92 14.74 -18.90
N TYR A 294 6.51 15.89 -19.22
CA TYR A 294 5.70 17.02 -19.65
C TYR A 294 5.00 16.71 -20.97
N ASN A 295 5.70 16.05 -21.89
CA ASN A 295 5.07 15.62 -23.13
C ASN A 295 4.06 14.50 -22.88
N LYS A 296 4.28 13.69 -21.84
CA LYS A 296 3.29 12.66 -21.51
C LYS A 296 2.00 13.30 -21.00
N PHE A 297 2.12 14.36 -20.19
CA PHE A 297 0.92 15.10 -19.78
C PHE A 297 0.27 15.80 -20.95
N LYS A 298 1.08 16.27 -21.92
CA LYS A 298 0.53 16.87 -23.13
C LYS A 298 -0.30 15.85 -23.91
N ASP A 299 0.18 14.61 -23.99
CA ASP A 299 -0.56 13.58 -24.71
C ASP A 299 -1.88 13.28 -24.01
N ILE A 300 -1.89 13.30 -22.68
CA ILE A 300 -3.12 13.03 -21.95
C ILE A 300 -4.14 14.13 -22.19
N ALA A 301 -3.70 15.39 -22.17
CA ALA A 301 -4.60 16.50 -22.45
C ALA A 301 -5.12 16.43 -23.88
N SER A 302 -4.28 15.97 -24.81
CA SER A 302 -4.73 15.82 -26.19
C SER A 302 -5.77 14.71 -26.31
N THR A 303 -5.55 13.59 -25.61
CA THR A 303 -6.53 12.51 -25.63
C THR A 303 -7.86 12.96 -25.03
N LEU A 304 -7.80 13.74 -23.93
CA LEU A 304 -9.02 14.23 -23.32
C LEU A 304 -9.78 15.16 -24.25
N ASN A 305 -9.06 15.99 -25.01
CA ASN A 305 -9.71 16.91 -25.92
C ASN A 305 -10.38 16.19 -27.08
N LYS A 306 -9.85 15.02 -27.47
CA LYS A 306 -10.42 14.23 -28.54
C LYS A 306 -11.49 13.25 -28.04
N ALA A 307 -11.73 13.19 -26.73
CA ALA A 307 -12.69 12.25 -26.19
C ALA A 307 -14.11 12.66 -26.53
N LYS A 308 -14.89 11.72 -27.07
CA LYS A 308 -16.29 11.96 -27.40
C LYS A 308 -17.24 10.95 -26.79
N SER A 309 -16.77 9.78 -26.36
CA SER A 309 -17.62 8.77 -25.76
C SER A 309 -16.93 8.18 -24.54
N ILE A 310 -17.73 7.62 -23.65
CA ILE A 310 -17.24 6.97 -22.43
C ILE A 310 -18.03 5.68 -22.23
N VAL A 311 -17.36 4.65 -21.73
CA VAL A 311 -17.96 3.34 -21.59
C VAL A 311 -17.60 2.77 -20.22
N GLY A 312 -18.49 1.94 -19.68
CA GLY A 312 -18.25 1.25 -18.43
C GLY A 312 -18.65 2.00 -17.18
N THR A 313 -19.44 3.06 -17.30
CA THR A 313 -19.84 3.83 -16.12
C THR A 313 -21.09 4.63 -16.44
N THR A 314 -21.87 4.88 -15.42
CA THR A 314 -23.02 5.77 -15.53
C THR A 314 -22.65 7.23 -15.28
N ALA A 315 -21.35 7.52 -15.15
CA ALA A 315 -20.88 8.89 -14.98
C ALA A 315 -20.75 9.57 -16.34
N SER A 316 -20.93 10.89 -16.33
CA SER A 316 -20.88 11.67 -17.56
C SER A 316 -19.45 11.77 -18.08
N LEU A 317 -19.32 11.94 -19.39
CA LEU A 317 -18.00 12.13 -19.98
C LEU A 317 -17.35 13.42 -19.50
N GLN A 318 -18.16 14.48 -19.32
CA GLN A 318 -17.63 15.75 -18.84
C GLN A 318 -17.04 15.60 -17.44
N TYR A 319 -17.62 14.73 -16.61
CA TYR A 319 -17.07 14.51 -15.29
C TYR A 319 -15.71 13.81 -15.37
N MET A 320 -15.59 12.80 -16.22
CA MET A 320 -14.33 12.07 -16.34
C MET A 320 -13.24 12.95 -16.92
N LYS A 321 -13.57 13.80 -17.89
CA LYS A 321 -12.61 14.75 -18.41
C LYS A 321 -12.18 15.74 -17.34
N ASN A 322 -13.13 16.22 -16.53
CA ASN A 322 -12.79 17.14 -15.46
C ASN A 322 -12.00 16.45 -14.34
N VAL A 323 -12.23 15.15 -14.14
CA VAL A 323 -11.50 14.42 -13.10
C VAL A 323 -10.00 14.43 -13.42
N PHE A 324 -9.65 14.09 -14.65
CA PHE A 324 -8.24 14.10 -15.03
C PHE A 324 -7.73 15.50 -15.30
N LYS A 325 -8.61 16.47 -15.50
CA LYS A 325 -8.19 17.87 -15.45
C LYS A 325 -7.77 18.25 -14.03
N GLU A 326 -8.47 17.72 -13.03
CA GLU A 326 -8.11 18.01 -11.64
C GLU A 326 -6.82 17.30 -11.24
N LYS A 327 -6.63 16.06 -11.69
CA LYS A 327 -5.46 15.29 -11.29
C LYS A 327 -4.18 15.93 -11.83
N TYR A 328 -4.13 16.17 -13.14
CA TYR A 328 -2.95 16.73 -13.77
C TYR A 328 -2.91 18.25 -13.76
N LEU A 329 -3.90 18.89 -13.12
CA LEU A 329 -3.96 20.35 -12.99
C LEU A 329 -3.92 21.03 -14.37
N LEU A 330 -4.73 20.51 -15.28
CA LEU A 330 -4.81 21.10 -16.62
C LEU A 330 -5.57 22.42 -16.58
N SER A 331 -5.39 23.20 -17.64
CA SER A 331 -6.07 24.48 -17.80
C SER A 331 -7.09 24.38 -18.94
N GLU A 332 -8.23 25.04 -18.75
CA GLU A 332 -9.34 24.97 -19.69
C GLU A 332 -9.71 26.38 -20.13
N ASP A 333 -9.88 26.57 -21.44
CA ASP A 333 -10.23 27.86 -22.00
C ASP A 333 -11.75 27.97 -22.17
N THR A 334 -12.20 29.06 -22.80
CA THR A 334 -13.63 29.29 -22.96
C THR A 334 -14.27 28.26 -23.89
N SER A 335 -13.49 27.69 -24.81
CA SER A 335 -14.02 26.67 -25.71
C SER A 335 -14.22 25.32 -25.03
N GLY A 336 -13.60 25.11 -23.87
CA GLY A 336 -13.64 23.83 -23.19
C GLY A 336 -12.45 22.95 -23.47
N LYS A 337 -11.49 23.41 -24.26
CA LYS A 337 -10.32 22.61 -24.60
C LYS A 337 -9.34 22.59 -23.43
N PHE A 338 -8.64 21.47 -23.28
CA PHE A 338 -7.66 21.29 -22.21
C PHE A 338 -6.26 21.58 -22.74
N SER A 339 -5.43 22.18 -21.89
CA SER A 339 -4.03 22.44 -22.20
C SER A 339 -3.20 22.28 -20.93
N VAL A 340 -1.94 21.93 -21.11
CA VAL A 340 -1.01 21.75 -20.00
C VAL A 340 -0.16 23.01 -19.88
N ASP A 341 -0.38 23.76 -18.80
CA ASP A 341 0.44 24.92 -18.50
C ASP A 341 1.74 24.45 -17.88
N LYS A 342 2.87 24.80 -18.51
CA LYS A 342 4.15 24.21 -18.11
C LYS A 342 4.58 24.67 -16.72
N LEU A 343 4.19 25.88 -16.30
CA LEU A 343 4.56 26.34 -14.97
C LEU A 343 3.77 25.60 -13.90
N LYS A 344 2.48 25.37 -14.13
CA LYS A 344 1.71 24.53 -13.22
C LYS A 344 2.22 23.09 -13.23
N PHE A 345 2.75 22.63 -14.36
CA PHE A 345 3.37 21.31 -14.40
C PHE A 345 4.63 21.27 -13.55
N ASP A 346 5.46 22.31 -13.63
CA ASP A 346 6.67 22.36 -12.82
C ASP A 346 6.35 22.41 -11.33
N LYS A 347 5.22 23.02 -10.97
CA LYS A 347 4.80 23.02 -9.57
C LYS A 347 4.43 21.61 -9.12
N LEU A 348 3.58 20.93 -9.89
CA LEU A 348 3.19 19.58 -9.55
C LEU A 348 4.37 18.62 -9.60
N TYR A 349 5.25 18.79 -10.59
CA TYR A 349 6.41 17.92 -10.71
C TYR A 349 7.36 18.09 -9.53
N LYS A 350 7.57 19.35 -9.09
CA LYS A 350 8.45 19.58 -7.95
C LYS A 350 7.82 19.08 -6.65
N MET A 351 6.50 19.16 -6.53
CA MET A 351 5.84 18.66 -5.32
C MET A 351 6.00 17.15 -5.21
N LEU A 352 5.87 16.42 -6.32
CA LEU A 352 5.94 14.97 -6.28
C LEU A 352 7.37 14.46 -6.20
N THR A 353 8.35 15.21 -6.71
CA THR A 353 9.72 14.72 -6.83
C THR A 353 10.69 15.39 -5.86
N GLU A 354 10.50 16.66 -5.52
CA GLU A 354 11.42 17.36 -4.62
C GLU A 354 10.83 17.66 -3.26
N ILE A 355 9.52 17.92 -3.17
CA ILE A 355 8.92 18.22 -1.87
C ILE A 355 8.68 16.95 -1.07
N TYR A 356 8.08 15.94 -1.69
CA TYR A 356 7.79 14.68 -1.03
C TYR A 356 9.04 13.80 -1.11
N THR A 357 9.94 14.01 -0.16
CA THR A 357 11.14 13.20 -0.04
C THR A 357 11.24 12.64 1.38
N GLU A 358 11.96 11.53 1.51
CA GLU A 358 12.19 10.97 2.83
C GLU A 358 12.91 11.95 3.74
N ASP A 359 13.88 12.68 3.20
CA ASP A 359 14.63 13.64 4.00
C ASP A 359 13.73 14.74 4.53
N ASN A 360 12.72 15.15 3.75
CA ASN A 360 11.80 16.18 4.22
C ASN A 360 10.89 15.65 5.31
N PHE A 361 10.44 14.39 5.19
CA PHE A 361 9.61 13.81 6.24
C PHE A 361 10.39 13.66 7.55
N VAL A 362 11.70 13.42 7.46
CA VAL A 362 12.53 13.40 8.66
C VAL A 362 12.56 14.78 9.30
N LYS A 363 12.56 15.83 8.49
CA LYS A 363 12.58 17.19 9.04
C LYS A 363 11.24 17.55 9.67
N PHE A 364 10.14 17.11 9.06
CA PHE A 364 8.82 17.41 9.61
C PHE A 364 8.52 16.59 10.85
N PHE A 365 8.90 15.31 10.85
CA PHE A 365 8.68 14.47 12.02
C PHE A 365 9.63 14.79 13.16
N LYS A 366 10.76 15.43 12.88
CA LYS A 366 11.77 15.77 13.89
C LYS A 366 12.26 14.52 14.62
N VAL A 367 12.59 13.49 13.84
CA VAL A 367 13.09 12.24 14.37
C VAL A 367 14.46 11.97 13.77
N LEU A 368 15.17 11.01 14.38
CA LEU A 368 16.44 10.57 13.82
C LEU A 368 16.20 9.52 12.74
N ASN A 369 17.05 9.53 11.73
CA ASN A 369 16.85 8.69 10.57
C ASN A 369 18.18 8.54 9.84
N ARG A 370 18.23 7.58 8.92
CA ARG A 370 19.39 7.46 8.05
C ARG A 370 19.58 8.74 7.26
N LYS A 371 20.82 9.19 7.16
CA LYS A 371 21.13 10.42 6.44
C LYS A 371 21.42 10.20 4.97
N THR A 372 21.38 8.95 4.50
CA THR A 372 21.57 8.66 3.09
C THR A 372 21.02 7.27 2.80
N TYR A 373 20.61 7.06 1.54
CA TYR A 373 20.21 5.73 1.12
C TYR A 373 21.42 4.82 0.92
N LEU A 374 22.61 5.40 0.76
CA LEU A 374 23.83 4.63 0.54
C LEU A 374 24.48 4.26 1.87
N ASN A 375 23.74 3.46 2.65
CA ASN A 375 24.23 3.00 3.94
C ASN A 375 24.10 1.49 4.08
N PHE A 376 24.33 0.98 5.28
CA PHE A 376 24.19 -0.44 5.57
C PHE A 376 23.30 -0.59 6.79
N ASP A 377 22.14 -1.21 6.60
CA ASP A 377 21.26 -1.49 7.72
C ASP A 377 21.97 -2.40 8.73
N LYS A 378 21.80 -2.08 10.01
CA LYS A 378 22.54 -2.78 11.06
C LYS A 378 21.75 -3.92 11.69
N ALA A 379 20.45 -3.75 11.91
CA ALA A 379 19.65 -4.78 12.55
C ALA A 379 18.17 -4.54 12.23
N VAL A 380 17.34 -5.43 12.73
CA VAL A 380 15.89 -5.32 12.62
C VAL A 380 15.28 -5.58 13.99
N PHE A 381 14.28 -4.79 14.36
CA PHE A 381 13.65 -4.86 15.66
C PHE A 381 12.16 -5.16 15.52
N LYS A 382 11.62 -5.87 16.51
CA LYS A 382 10.18 -6.06 16.62
C LYS A 382 9.61 -4.94 17.47
N ILE A 383 8.57 -4.29 16.98
CA ILE A 383 7.97 -3.13 17.63
C ILE A 383 6.46 -3.30 17.71
N ASN A 384 5.84 -2.45 18.54
CA ASN A 384 4.39 -2.43 18.66
C ASN A 384 3.99 -0.98 18.91
N ILE A 385 3.59 -0.29 17.83
CA ILE A 385 3.26 1.13 17.90
C ILE A 385 1.81 1.38 18.27
N VAL A 386 1.00 0.34 18.42
CA VAL A 386 -0.43 0.51 18.69
C VAL A 386 -0.68 1.08 20.09
N PRO A 387 -0.05 0.57 21.16
CA PRO A 387 -0.28 1.16 22.48
C PRO A 387 0.19 2.60 22.54
N LYS A 388 -0.61 3.45 23.19
CA LYS A 388 -0.25 4.86 23.30
C LYS A 388 0.97 5.08 24.17
N VAL A 389 1.29 4.15 25.06
CA VAL A 389 2.47 4.28 25.92
C VAL A 389 3.75 3.96 25.18
N ASN A 390 3.65 3.40 23.98
CA ASN A 390 4.80 3.09 23.14
C ASN A 390 5.03 4.12 22.05
N TYR A 391 3.96 4.71 21.51
CA TYR A 391 4.04 5.46 20.26
C TYR A 391 2.81 6.34 20.10
N THR A 392 3.01 7.61 19.78
CA THR A 392 1.89 8.54 19.60
C THR A 392 1.91 9.13 18.20
N ILE A 393 0.77 9.70 17.81
CA ILE A 393 0.63 10.23 16.45
C ILE A 393 1.49 11.46 16.26
N TYR A 394 1.58 12.32 17.28
CA TYR A 394 2.33 13.56 17.14
C TYR A 394 3.81 13.39 17.42
N ASP A 395 4.18 12.44 18.28
CA ASP A 395 5.55 12.33 18.76
C ASP A 395 6.26 11.04 18.37
N GLY A 396 5.53 10.03 17.91
CA GLY A 396 6.18 8.77 17.60
C GLY A 396 6.72 8.12 18.85
N PHE A 397 7.99 7.69 18.78
CA PHE A 397 8.63 7.10 19.96
C PHE A 397 9.11 8.14 20.96
N ASN A 398 9.29 9.39 20.53
CA ASN A 398 9.81 10.45 21.40
C ASN A 398 8.66 11.12 22.13
N LEU A 399 8.09 10.38 23.08
CA LEU A 399 6.93 10.84 23.83
C LEU A 399 7.23 12.16 24.53
N ARG A 400 6.34 13.13 24.36
CA ARG A 400 6.52 14.45 24.94
C ARG A 400 6.44 14.39 26.47
N ASN A 401 7.16 15.31 27.10
CA ASN A 401 7.14 15.46 28.56
C ASN A 401 7.58 14.19 29.28
N THR A 402 8.42 13.39 28.63
CA THR A 402 9.07 12.24 29.23
C THR A 402 10.56 12.31 28.95
N ASN A 403 11.31 11.32 29.43
CA ASN A 403 12.72 11.25 29.12
C ASN A 403 12.98 10.91 27.66
N LEU A 404 11.98 10.33 26.97
CA LEU A 404 12.12 10.00 25.56
C LEU A 404 11.99 11.20 24.65
N ALA A 405 11.64 12.38 25.18
CA ALA A 405 11.40 13.54 24.33
C ALA A 405 12.69 14.17 23.83
N ALA A 406 13.77 14.10 24.60
CA ALA A 406 15.02 14.75 24.26
C ALA A 406 16.00 13.78 23.63
N ASN A 407 16.82 14.28 22.71
CA ASN A 407 17.93 13.54 22.11
C ASN A 407 17.47 12.24 21.45
N PHE A 408 16.22 12.21 20.99
CA PHE A 408 15.65 11.03 20.31
C PHE A 408 15.77 9.78 21.18
N ASN A 409 15.61 9.96 22.50
CA ASN A 409 15.73 8.82 23.41
C ASN A 409 14.66 7.76 23.17
N GLY A 410 13.53 8.14 22.58
CA GLY A 410 12.52 7.16 22.24
C GLY A 410 12.97 6.21 21.15
N GLN A 411 13.76 6.69 20.20
CA GLN A 411 14.31 5.84 19.16
C GLN A 411 15.56 5.09 19.60
N ASN A 412 16.16 5.49 20.73
CA ASN A 412 17.31 4.77 21.27
C ASN A 412 16.90 3.38 21.71
N THR A 413 17.52 2.35 21.12
CA THR A 413 17.15 0.98 21.41
C THR A 413 17.75 0.46 22.72
N GLU A 414 18.64 1.23 23.36
CA GLU A 414 19.15 0.88 24.68
C GLU A 414 18.46 1.65 25.79
N ILE A 415 18.21 2.94 25.59
CA ILE A 415 17.43 3.72 26.56
C ILE A 415 15.99 3.24 26.60
N ASN A 416 15.33 3.24 25.45
CA ASN A 416 13.97 2.73 25.32
C ASN A 416 13.99 1.28 24.86
N ASN A 417 14.69 0.45 25.63
CA ASN A 417 14.98 -0.92 25.21
C ASN A 417 13.74 -1.81 25.23
N MET A 418 12.72 -1.48 26.02
CA MET A 418 11.53 -2.31 26.08
C MET A 418 10.64 -2.17 24.85
N ASN A 419 10.89 -1.18 24.00
CA ASN A 419 10.12 -0.98 22.78
C ASN A 419 10.73 -1.67 21.57
N PHE A 420 11.92 -2.24 21.70
CA PHE A 420 12.62 -2.83 20.56
C PHE A 420 13.24 -4.14 20.99
N THR A 421 12.87 -5.22 20.31
CA THR A 421 13.43 -6.55 20.53
C THR A 421 14.20 -6.94 19.27
N LYS A 422 15.52 -6.94 19.36
CA LYS A 422 16.35 -7.23 18.20
C LYS A 422 16.15 -8.68 17.75
N LEU A 423 15.85 -8.86 16.47
CA LEU A 423 15.59 -10.18 15.91
C LEU A 423 16.72 -10.71 15.03
N LYS A 424 17.47 -9.82 14.38
CA LYS A 424 18.55 -10.25 13.50
C LYS A 424 19.53 -9.11 13.34
N ASN A 425 20.82 -9.43 13.40
CA ASN A 425 21.89 -8.45 13.28
C ASN A 425 22.45 -8.53 11.85
N PHE A 426 22.21 -7.47 11.08
CA PHE A 426 22.65 -7.45 9.68
C PHE A 426 24.14 -7.20 9.55
N THR A 427 24.76 -6.54 10.53
CA THR A 427 26.19 -6.23 10.47
C THR A 427 27.01 -7.50 10.35
N GLY A 428 26.60 -8.56 11.06
CA GLY A 428 27.34 -9.80 11.02
C GLY A 428 27.36 -10.46 9.65
N LEU A 429 26.34 -10.17 8.83
CA LEU A 429 26.28 -10.68 7.47
C LEU A 429 26.99 -9.78 6.47
N PHE A 430 27.44 -8.60 6.89
CA PHE A 430 28.29 -7.74 6.07
C PHE A 430 29.77 -7.88 6.41
N GLU A 431 30.12 -8.85 7.27
CA GLU A 431 31.49 -9.00 7.72
C GLU A 431 32.44 -9.48 6.63
N PHE A 432 31.94 -9.84 5.45
CA PHE A 432 32.83 -10.21 4.35
C PHE A 432 33.63 -9.01 3.85
N TYR A 433 33.19 -7.79 4.15
CA TYR A 433 33.95 -6.60 3.81
C TYR A 433 35.25 -6.49 4.61
N LYS A 434 35.44 -7.33 5.63
CA LYS A 434 36.70 -7.33 6.37
C LYS A 434 37.88 -7.73 5.47
N LEU A 435 37.62 -8.39 4.35
CA LEU A 435 38.66 -8.94 3.50
C LEU A 435 39.29 -7.91 2.57
N LEU A 436 38.87 -6.65 2.62
CA LEU A 436 39.53 -5.58 1.89
C LEU A 436 40.41 -4.72 2.81
N CYS A 437 40.83 -5.27 3.94
CA CYS A 437 41.79 -4.61 4.82
C CYS A 437 43.17 -5.26 4.74
N VAL A 438 43.42 -6.05 3.69
CA VAL A 438 44.68 -6.74 3.51
C VAL A 438 45.79 -5.76 3.16
N LEU B 7 -22.39 11.11 7.59
CA LEU B 7 -22.42 11.49 6.18
C LEU B 7 -23.73 12.18 5.84
N GLN B 8 -23.74 13.51 5.83
CA GLN B 8 -24.93 14.27 5.50
C GLN B 8 -24.57 15.50 4.68
N LEU B 9 -25.54 15.98 3.91
CA LEU B 9 -25.45 17.24 3.18
C LEU B 9 -26.76 17.98 3.38
N VAL B 10 -26.70 19.15 4.01
CA VAL B 10 -27.89 19.89 4.38
C VAL B 10 -27.85 21.25 3.69
N GLU B 11 -28.98 21.67 3.12
CA GLU B 11 -29.12 22.99 2.53
C GLU B 11 -29.87 23.89 3.50
N SER B 12 -29.43 25.15 3.58
CA SER B 12 -30.01 26.10 4.51
C SER B 12 -30.06 27.47 3.86
N GLY B 13 -30.90 28.34 4.42
CA GLY B 13 -30.97 29.72 4.01
C GLY B 13 -32.08 30.08 3.05
N GLY B 14 -32.92 29.13 2.66
CA GLY B 14 -34.01 29.43 1.76
C GLY B 14 -35.11 30.22 2.43
N GLY B 15 -36.05 30.70 1.61
CA GLY B 15 -37.17 31.46 2.12
C GLY B 15 -37.85 32.23 1.01
N THR B 16 -38.65 33.22 1.41
CA THR B 16 -39.42 34.06 0.50
C THR B 16 -38.77 35.44 0.41
N VAL B 17 -38.72 35.99 -0.80
CA VAL B 17 -38.05 37.27 -1.04
C VAL B 17 -38.68 37.94 -2.24
N GLN B 18 -38.66 39.28 -2.25
CA GLN B 18 -39.20 40.04 -3.35
C GLN B 18 -38.27 39.97 -4.56
N PRO B 19 -38.79 40.22 -5.76
CA PRO B 19 -37.93 40.28 -6.94
C PRO B 19 -36.89 41.39 -6.79
N GLY B 20 -35.68 41.12 -7.27
CA GLY B 20 -34.56 42.00 -7.06
C GLY B 20 -33.86 41.83 -5.74
N GLY B 21 -34.40 41.00 -4.84
CA GLY B 21 -33.76 40.72 -3.57
C GLY B 21 -32.62 39.72 -3.72
N THR B 22 -31.93 39.49 -2.60
CA THR B 22 -30.76 38.62 -2.57
C THR B 22 -30.89 37.61 -1.44
N LEU B 23 -30.50 36.37 -1.73
CA LEU B 23 -30.48 35.29 -0.76
C LEU B 23 -29.16 34.54 -0.87
N ARG B 24 -28.59 34.19 0.29
CA ARG B 24 -27.38 33.38 0.33
C ARG B 24 -27.73 32.03 0.96
N LEU B 25 -27.67 30.98 0.15
CA LEU B 25 -27.92 29.62 0.62
C LEU B 25 -26.60 28.97 1.06
N SER B 26 -26.69 28.12 2.06
CA SER B 26 -25.53 27.41 2.59
C SER B 26 -25.72 25.91 2.41
N CYS B 27 -24.62 25.23 2.12
CA CYS B 27 -24.60 23.77 1.95
C CYS B 27 -23.55 23.21 2.89
N ALA B 28 -23.98 22.79 4.07
CA ALA B 28 -23.08 22.30 5.09
C ALA B 28 -22.82 20.81 4.91
N ALA B 29 -21.55 20.44 4.82
CA ALA B 29 -21.12 19.04 4.74
C ALA B 29 -20.73 18.58 6.14
N SER B 30 -21.58 17.77 6.77
CA SER B 30 -21.35 17.34 8.14
C SER B 30 -20.80 15.92 8.24
N GLY B 31 -20.24 15.37 7.16
CA GLY B 31 -19.83 13.99 7.20
C GLY B 31 -18.46 13.69 6.63
N PHE B 32 -17.83 14.69 6.01
CA PHE B 32 -16.56 14.49 5.35
C PHE B 32 -15.89 15.84 5.13
N THR B 33 -14.66 15.80 4.62
CA THR B 33 -13.93 17.01 4.26
C THR B 33 -14.14 17.29 2.78
N LEU B 34 -14.31 18.56 2.44
CA LEU B 34 -14.62 18.97 1.08
C LEU B 34 -13.40 19.07 0.19
N ASP B 35 -12.19 19.01 0.74
CA ASP B 35 -10.98 19.14 -0.07
C ASP B 35 -10.86 18.07 -1.14
N GLU B 36 -11.69 17.04 -1.09
CA GLU B 36 -11.69 15.98 -2.08
C GLU B 36 -12.95 15.94 -2.93
N TYR B 37 -13.92 16.81 -2.66
CA TYR B 37 -15.23 16.74 -3.30
C TYR B 37 -15.63 18.08 -3.88
N ALA B 38 -16.11 18.05 -5.12
CA ALA B 38 -16.77 19.20 -5.71
C ALA B 38 -18.23 19.23 -5.29
N ILE B 39 -18.76 20.44 -5.16
CA ILE B 39 -20.15 20.65 -4.74
C ILE B 39 -20.87 21.39 -5.85
N GLY B 40 -21.96 20.81 -6.33
CA GLY B 40 -22.77 21.42 -7.38
C GLY B 40 -24.12 21.84 -6.82
N TRP B 41 -24.55 23.05 -7.20
CA TRP B 41 -25.86 23.56 -6.83
C TRP B 41 -26.85 23.30 -7.95
N PHE B 42 -28.02 22.79 -7.60
CA PHE B 42 -29.06 22.48 -8.55
C PHE B 42 -30.37 23.07 -8.05
N ARG B 43 -31.35 23.15 -8.94
CA ARG B 43 -32.66 23.64 -8.58
C ARG B 43 -33.72 22.93 -9.41
N GLN B 44 -34.94 22.87 -8.87
CA GLN B 44 -36.07 22.27 -9.55
C GLN B 44 -37.25 23.23 -9.45
N ALA B 45 -37.64 23.82 -10.58
CA ALA B 45 -38.76 24.74 -10.61
C ALA B 45 -40.06 24.00 -10.32
N PRO B 46 -41.11 24.72 -9.84
CA PRO B 46 -42.39 24.06 -9.58
C PRO B 46 -42.96 23.35 -10.80
N GLY B 47 -43.03 22.02 -10.74
CA GLY B 47 -43.56 21.22 -11.82
C GLY B 47 -42.57 20.88 -12.91
N LYS B 48 -41.40 21.51 -12.94
CA LYS B 48 -40.43 21.30 -13.99
C LYS B 48 -39.37 20.29 -13.56
N GLU B 49 -38.49 19.97 -14.51
CA GLU B 49 -37.39 19.05 -14.25
C GLU B 49 -36.26 19.77 -13.52
N ARG B 50 -35.46 18.99 -12.79
CA ARG B 50 -34.33 19.56 -12.07
C ARG B 50 -33.23 19.97 -13.05
N GLU B 51 -32.74 21.20 -12.90
CA GLU B 51 -31.68 21.73 -13.73
C GLU B 51 -30.46 22.09 -12.89
N GLY B 52 -29.33 22.24 -13.55
CA GLY B 52 -28.09 22.59 -12.88
C GLY B 52 -27.89 24.10 -12.82
N VAL B 53 -27.45 24.57 -11.66
CA VAL B 53 -27.26 26.00 -11.42
C VAL B 53 -25.78 26.35 -11.50
N SER B 54 -24.98 25.79 -10.59
CA SER B 54 -23.56 26.09 -10.52
C SER B 54 -22.84 24.92 -9.89
N CYS B 55 -21.52 25.01 -9.86
CA CYS B 55 -20.68 23.99 -9.25
C CYS B 55 -19.30 24.56 -8.98
N ILE B 56 -18.72 24.17 -7.86
CA ILE B 56 -17.36 24.56 -7.50
C ILE B 56 -16.56 23.29 -7.23
N SER B 57 -15.34 23.24 -7.76
CA SER B 57 -14.53 22.03 -7.71
C SER B 57 -13.77 21.94 -6.40
N SER B 58 -13.09 20.79 -6.21
CA SER B 58 -12.21 20.62 -5.07
C SER B 58 -11.01 21.55 -5.14
N SER B 59 -10.67 22.05 -6.33
CA SER B 59 -9.64 23.06 -6.52
C SER B 59 -10.23 24.44 -6.78
N ALA B 60 -11.49 24.66 -6.37
CA ALA B 60 -12.15 25.96 -6.49
C ALA B 60 -12.32 26.37 -7.95
N SER B 61 -12.57 25.39 -8.81
CA SER B 61 -12.90 25.65 -10.22
C SER B 61 -14.41 25.83 -10.32
N ILE B 62 -14.83 27.01 -10.78
CA ILE B 62 -16.23 27.44 -10.71
C ILE B 62 -16.85 27.38 -12.10
N SER B 63 -18.11 26.92 -12.14
CA SER B 63 -18.90 26.91 -13.36
C SER B 63 -20.31 27.38 -13.04
N TYR B 64 -20.94 28.09 -13.98
CA TYR B 64 -22.30 28.56 -13.84
C TYR B 64 -23.12 28.12 -15.05
N ALA B 65 -24.42 28.35 -14.98
CA ALA B 65 -25.33 28.07 -16.08
C ALA B 65 -25.68 29.36 -16.80
N ASP B 66 -26.17 29.22 -18.04
CA ASP B 66 -26.56 30.37 -18.84
C ASP B 66 -27.67 31.19 -18.21
N SER B 67 -28.33 30.68 -17.18
CA SER B 67 -29.50 31.33 -16.60
C SER B 67 -29.18 32.19 -15.39
N VAL B 68 -27.94 32.16 -14.89
CA VAL B 68 -27.62 32.79 -13.61
C VAL B 68 -26.28 33.50 -13.62
N LYS B 69 -25.58 33.48 -14.75
CA LYS B 69 -24.24 34.07 -14.82
C LYS B 69 -24.29 35.57 -14.53
N GLY B 70 -23.30 36.04 -13.77
CA GLY B 70 -23.25 37.42 -13.34
C GLY B 70 -24.14 37.77 -12.16
N ARG B 71 -25.17 36.97 -11.89
CA ARG B 71 -26.09 37.21 -10.79
C ARG B 71 -25.78 36.38 -9.56
N PHE B 72 -25.43 35.11 -9.74
CA PHE B 72 -25.09 34.21 -8.64
C PHE B 72 -23.59 34.09 -8.49
N THR B 73 -23.15 33.81 -7.26
CA THR B 73 -21.76 33.55 -6.94
C THR B 73 -21.68 32.41 -5.95
N ILE B 74 -20.89 31.37 -6.27
CA ILE B 74 -20.70 30.21 -5.42
C ILE B 74 -19.30 30.31 -4.79
N SER B 75 -19.23 30.02 -3.48
CA SER B 75 -17.99 30.16 -2.73
C SER B 75 -17.74 28.88 -1.94
N ARG B 76 -16.62 28.87 -1.21
CA ARG B 76 -16.13 27.66 -0.56
C ARG B 76 -15.48 28.04 0.77
N ASP B 77 -15.94 27.40 1.84
CA ASP B 77 -15.39 27.60 3.19
C ASP B 77 -14.96 26.23 3.71
N ASN B 78 -13.69 25.89 3.52
CA ASN B 78 -13.19 24.59 3.93
C ASN B 78 -13.10 24.47 5.45
N ALA B 79 -12.94 25.60 6.15
CA ALA B 79 -12.83 25.55 7.60
C ALA B 79 -14.12 25.07 8.24
N LYS B 80 -15.26 25.56 7.76
CA LYS B 80 -16.57 25.16 8.26
C LYS B 80 -17.23 24.10 7.40
N ASN B 81 -16.54 23.63 6.35
CA ASN B 81 -17.06 22.59 5.46
C ASN B 81 -18.44 22.96 4.92
N THR B 82 -18.50 24.12 4.28
CA THR B 82 -19.76 24.65 3.75
C THR B 82 -19.50 25.31 2.42
N VAL B 83 -20.39 25.05 1.46
CA VAL B 83 -20.36 25.70 0.15
C VAL B 83 -21.55 26.65 0.09
N TYR B 84 -21.27 27.92 -0.18
CA TYR B 84 -22.29 28.96 -0.21
C TYR B 84 -22.69 29.30 -1.64
N LEU B 85 -23.87 29.90 -1.76
CA LEU B 85 -24.39 30.37 -3.05
C LEU B 85 -25.12 31.68 -2.81
N THR B 86 -24.45 32.79 -3.10
CA THR B 86 -25.05 34.11 -2.94
C THR B 86 -25.79 34.47 -4.23
N MET B 87 -27.11 34.56 -4.14
CA MET B 87 -27.97 34.81 -5.30
C MET B 87 -28.41 36.26 -5.28
N ASN B 88 -27.96 37.03 -6.27
CA ASN B 88 -28.30 38.44 -6.41
C ASN B 88 -29.19 38.64 -7.63
N SER B 89 -29.88 39.78 -7.64
CA SER B 89 -30.76 40.17 -8.75
C SER B 89 -31.78 39.07 -9.05
N LEU B 90 -32.47 38.63 -8.01
CA LEU B 90 -33.36 37.49 -8.13
C LEU B 90 -34.57 37.81 -9.00
N LYS B 91 -35.01 36.82 -9.77
CA LYS B 91 -36.17 36.91 -10.63
C LYS B 91 -37.22 35.90 -10.15
N PRO B 92 -38.49 36.10 -10.50
CA PRO B 92 -39.50 35.09 -10.15
C PRO B 92 -39.24 33.74 -10.81
N GLU B 93 -38.55 33.73 -11.96
CA GLU B 93 -38.25 32.48 -12.66
C GLU B 93 -37.26 31.61 -11.90
N ASP B 94 -36.59 32.15 -10.88
CA ASP B 94 -35.67 31.39 -10.05
C ASP B 94 -36.35 30.67 -8.89
N THR B 95 -37.68 30.67 -8.86
CA THR B 95 -38.41 30.01 -7.80
C THR B 95 -38.27 28.49 -7.93
N GLY B 96 -37.96 27.83 -6.82
CA GLY B 96 -37.81 26.39 -6.82
C GLY B 96 -37.09 25.95 -5.56
N VAL B 97 -36.80 24.64 -5.53
CA VAL B 97 -36.06 24.03 -4.43
C VAL B 97 -34.62 23.83 -4.87
N TYR B 98 -33.68 24.33 -4.09
CA TYR B 98 -32.27 24.29 -4.42
C TYR B 98 -31.59 23.17 -3.63
N TYR B 99 -31.02 22.20 -4.35
CA TYR B 99 -30.27 21.12 -3.76
C TYR B 99 -28.78 21.33 -4.02
N CYS B 100 -27.95 20.79 -3.13
CA CYS B 100 -26.51 20.71 -3.35
C CYS B 100 -26.09 19.25 -3.29
N ALA B 101 -25.21 18.86 -4.20
CA ALA B 101 -24.74 17.48 -4.30
C ALA B 101 -23.23 17.46 -4.37
N ARG B 102 -22.64 16.37 -3.89
CA ARG B 102 -21.20 16.21 -3.88
C ARG B 102 -20.76 15.31 -5.03
N ALA B 103 -19.54 15.53 -5.49
CA ALA B 103 -18.92 14.69 -6.50
C ALA B 103 -17.43 14.64 -6.24
N PHE B 104 -16.83 13.48 -6.50
CA PHE B 104 -15.43 13.28 -6.16
C PHE B 104 -14.54 14.16 -7.04
N LEU B 105 -13.73 15.00 -6.38
CA LEU B 105 -12.72 15.83 -7.03
C LEU B 105 -13.32 16.88 -7.98
N ALA B 106 -13.92 16.43 -9.07
CA ALA B 106 -14.27 17.32 -10.18
C ALA B 106 -15.77 17.59 -10.21
N CYS B 107 -16.12 18.66 -10.93
CA CYS B 107 -17.50 19.02 -11.19
C CYS B 107 -18.01 18.30 -12.42
N GLY B 108 -19.31 17.98 -12.41
CA GLY B 108 -19.97 17.47 -13.57
C GLY B 108 -20.53 18.60 -14.41
N PRO B 109 -21.10 18.28 -15.57
CA PRO B 109 -21.72 19.33 -16.39
C PRO B 109 -23.00 19.83 -15.76
N VAL B 110 -23.35 21.08 -16.11
CA VAL B 110 -24.59 21.68 -15.61
C VAL B 110 -25.82 21.12 -16.31
N ALA B 111 -25.64 20.21 -17.26
CA ALA B 111 -26.75 19.55 -17.92
C ALA B 111 -26.26 18.20 -18.46
N GLY B 112 -27.11 17.18 -18.35
CA GLY B 112 -26.74 15.86 -18.80
C GLY B 112 -25.71 15.17 -17.94
N TRP B 113 -25.68 15.49 -16.64
CA TRP B 113 -24.74 14.85 -15.74
C TRP B 113 -25.16 13.41 -15.46
N GLY B 114 -24.22 12.63 -14.91
CA GLY B 114 -24.49 11.23 -14.62
C GLY B 114 -24.54 10.95 -13.13
N THR B 115 -24.02 9.78 -12.73
CA THR B 115 -24.03 9.36 -11.34
C THR B 115 -22.81 9.84 -10.57
N GLU B 116 -22.09 10.83 -11.09
CA GLU B 116 -20.93 11.34 -10.37
C GLU B 116 -21.34 12.05 -9.09
N TYR B 117 -22.56 12.59 -9.04
CA TYR B 117 -23.09 13.21 -7.83
C TYR B 117 -23.72 12.11 -6.99
N ASP B 118 -22.90 11.45 -6.18
CA ASP B 118 -23.29 10.25 -5.46
C ASP B 118 -23.96 10.55 -4.12
N TYR B 119 -24.27 11.81 -3.83
CA TYR B 119 -25.00 12.13 -2.60
C TYR B 119 -25.67 13.48 -2.77
N TRP B 120 -26.98 13.52 -2.50
CA TRP B 120 -27.77 14.73 -2.63
C TRP B 120 -28.44 15.06 -1.30
N GLY B 121 -28.52 16.34 -0.98
CA GLY B 121 -29.24 16.79 0.19
C GLY B 121 -30.74 16.82 -0.04
N GLN B 122 -31.46 17.12 1.04
CA GLN B 122 -32.91 17.18 0.96
C GLN B 122 -33.41 18.47 0.31
N GLY B 123 -32.59 19.51 0.27
CA GLY B 123 -32.92 20.74 -0.42
C GLY B 123 -33.49 21.79 0.52
N THR B 124 -33.59 23.00 -0.01
CA THR B 124 -34.20 24.12 0.69
C THR B 124 -35.08 24.90 -0.29
N GLN B 125 -36.14 25.50 0.23
CA GLN B 125 -37.18 26.10 -0.59
C GLN B 125 -36.91 27.58 -0.80
N VAL B 126 -37.02 28.03 -2.05
CA VAL B 126 -36.80 29.43 -2.41
C VAL B 126 -37.96 29.89 -3.27
N THR B 127 -38.67 30.93 -2.83
CA THR B 127 -39.76 31.52 -3.57
C THR B 127 -39.48 33.01 -3.80
N VAL B 128 -39.72 33.47 -5.02
CA VAL B 128 -39.53 34.86 -5.39
C VAL B 128 -40.86 35.40 -5.90
N SER B 129 -41.54 36.21 -5.08
CA SER B 129 -42.84 36.76 -5.44
C SER B 129 -42.84 38.27 -5.34
N VAL C 7 -35.56 -12.26 -3.57
CA VAL C 7 -34.53 -13.30 -3.52
C VAL C 7 -34.87 -14.34 -2.48
N GLN C 8 -35.22 -15.54 -2.94
CA GLN C 8 -35.65 -16.63 -2.08
C GLN C 8 -34.71 -17.82 -2.24
N LEU C 9 -34.35 -18.43 -1.11
CA LEU C 9 -33.48 -19.60 -1.09
C LEU C 9 -34.13 -20.66 -0.21
N VAL C 10 -34.26 -21.87 -0.73
CA VAL C 10 -34.91 -22.98 -0.02
C VAL C 10 -33.94 -24.16 -0.05
N GLU C 11 -33.28 -24.43 1.08
CA GLU C 11 -32.41 -25.59 1.18
C GLU C 11 -33.25 -26.84 1.42
N SER C 12 -32.73 -27.97 0.96
CA SER C 12 -33.44 -29.24 1.09
C SER C 12 -32.44 -30.39 1.05
N GLY C 13 -32.80 -31.47 1.72
CA GLY C 13 -32.03 -32.70 1.68
C GLY C 13 -31.33 -33.13 2.97
N GLY C 14 -31.70 -32.57 4.12
CA GLY C 14 -31.08 -32.94 5.37
C GLY C 14 -31.64 -34.24 5.92
N GLY C 15 -31.31 -34.51 7.18
CA GLY C 15 -31.82 -35.69 7.85
C GLY C 15 -30.79 -36.41 8.71
N LEU C 16 -30.91 -37.74 8.77
CA LEU C 16 -30.07 -38.57 9.61
C LEU C 16 -29.10 -39.38 8.76
N VAL C 17 -27.85 -39.46 9.21
CA VAL C 17 -26.81 -40.26 8.54
C VAL C 17 -25.93 -40.86 9.61
N GLN C 18 -25.84 -42.19 9.64
CA GLN C 18 -24.97 -42.85 10.59
C GLN C 18 -23.50 -42.50 10.28
N PRO C 19 -22.63 -42.52 11.29
CA PRO C 19 -21.28 -41.96 11.13
C PRO C 19 -20.52 -42.54 9.94
N GLY C 20 -19.90 -41.66 9.16
CA GLY C 20 -19.08 -42.04 8.03
C GLY C 20 -19.77 -42.01 6.68
N GLY C 21 -21.06 -41.70 6.63
CA GLY C 21 -21.81 -41.75 5.39
C GLY C 21 -21.66 -40.50 4.55
N SER C 22 -22.65 -40.29 3.68
CA SER C 22 -22.66 -39.14 2.79
C SER C 22 -24.07 -38.58 2.72
N LEU C 23 -24.19 -37.38 2.15
CA LEU C 23 -25.47 -36.74 1.92
C LEU C 23 -25.28 -35.54 1.01
N ARG C 24 -26.25 -35.31 0.13
CA ARG C 24 -26.20 -34.22 -0.85
C ARG C 24 -27.27 -33.20 -0.50
N LEU C 25 -26.84 -32.03 -0.04
CA LEU C 25 -27.76 -30.93 0.21
C LEU C 25 -27.89 -30.05 -1.03
N SER C 26 -29.09 -29.53 -1.24
CA SER C 26 -29.36 -28.66 -2.37
C SER C 26 -30.13 -27.43 -1.90
N CYS C 27 -30.02 -26.35 -2.69
CA CYS C 27 -30.72 -25.11 -2.41
C CYS C 27 -31.27 -24.54 -3.72
N ALA C 28 -32.59 -24.46 -3.82
CA ALA C 28 -33.24 -23.93 -5.01
C ALA C 28 -33.41 -22.42 -4.85
N ALA C 29 -32.82 -21.66 -5.77
CA ALA C 29 -32.87 -20.21 -5.74
C ALA C 29 -33.96 -19.70 -6.69
N SER C 30 -34.39 -18.46 -6.44
CA SER C 30 -35.40 -17.81 -7.26
C SER C 30 -35.31 -16.32 -7.06
N GLY C 31 -35.58 -15.57 -8.13
CA GLY C 31 -35.49 -14.13 -8.10
C GLY C 31 -34.15 -13.56 -8.49
N PHE C 32 -33.16 -14.41 -8.78
CA PHE C 32 -31.84 -13.95 -9.18
C PHE C 32 -31.09 -15.13 -9.79
N THR C 33 -30.16 -14.81 -10.69
CA THR C 33 -29.33 -15.84 -11.30
C THR C 33 -28.27 -16.28 -10.30
N LEU C 34 -28.22 -17.58 -10.01
CA LEU C 34 -27.33 -18.08 -8.97
C LEU C 34 -25.87 -18.00 -9.40
N GLY C 35 -25.57 -18.23 -10.67
CA GLY C 35 -24.24 -18.10 -11.22
C GLY C 35 -23.68 -16.71 -11.33
N SER C 36 -24.38 -15.70 -10.83
CA SER C 36 -23.91 -14.32 -10.91
C SER C 36 -23.55 -13.72 -9.56
N ARG C 37 -23.56 -14.50 -8.49
CA ARG C 37 -23.28 -13.99 -7.16
C ARG C 37 -22.38 -14.97 -6.42
N TYR C 38 -21.69 -14.47 -5.41
CA TYR C 38 -20.93 -15.32 -4.49
C TYR C 38 -21.90 -15.92 -3.48
N MET C 39 -21.92 -17.25 -3.40
CA MET C 39 -22.77 -17.96 -2.48
C MET C 39 -21.93 -18.73 -1.47
N SER C 40 -22.57 -19.12 -0.36
CA SER C 40 -21.88 -19.79 0.73
C SER C 40 -22.79 -20.83 1.36
N TRP C 41 -22.17 -21.89 1.88
CA TRP C 41 -22.85 -22.86 2.73
C TRP C 41 -22.40 -22.62 4.18
N VAL C 42 -23.38 -22.44 5.07
CA VAL C 42 -23.13 -22.14 6.47
C VAL C 42 -23.89 -23.14 7.33
N ARG C 43 -23.28 -23.57 8.43
CA ARG C 43 -23.91 -24.48 9.36
C ARG C 43 -23.89 -23.89 10.76
N GLN C 44 -24.75 -24.44 11.62
CA GLN C 44 -24.89 -23.94 12.98
C GLN C 44 -25.29 -25.08 13.90
N ALA C 45 -24.48 -25.32 14.92
CA ALA C 45 -24.79 -26.36 15.90
C ALA C 45 -25.71 -25.81 16.99
N PRO C 46 -26.50 -26.67 17.62
CA PRO C 46 -27.43 -26.18 18.66
C PRO C 46 -26.68 -25.49 19.80
N GLY C 47 -27.00 -24.22 20.00
CA GLY C 47 -26.41 -23.43 21.07
C GLY C 47 -25.09 -22.78 20.74
N GLU C 48 -24.62 -22.88 19.51
CA GLU C 48 -23.36 -22.28 19.09
C GLU C 48 -23.61 -21.24 18.00
N GLY C 49 -22.54 -20.57 17.58
CA GLY C 49 -22.61 -19.63 16.49
C GLY C 49 -22.46 -20.32 15.15
N PHE C 50 -22.57 -19.52 14.09
CA PHE C 50 -22.44 -20.05 12.75
C PHE C 50 -21.00 -20.44 12.46
N GLU C 51 -20.85 -21.44 11.59
CA GLU C 51 -19.54 -21.91 11.13
C GLU C 51 -19.56 -21.95 9.62
N TRP C 52 -18.66 -21.18 8.99
CA TRP C 52 -18.60 -21.16 7.53
C TRP C 52 -18.11 -22.50 7.00
N VAL C 53 -18.89 -23.11 6.12
CA VAL C 53 -18.54 -24.41 5.56
C VAL C 53 -17.83 -24.26 4.22
N SER C 54 -18.44 -23.52 3.29
CA SER C 54 -17.93 -23.46 1.92
C SER C 54 -18.44 -22.20 1.25
N SER C 55 -17.83 -21.89 0.11
CA SER C 55 -18.28 -20.81 -0.75
C SER C 55 -17.98 -21.18 -2.19
N ILE C 56 -18.67 -20.51 -3.11
CA ILE C 56 -18.48 -20.72 -4.54
C ILE C 56 -18.58 -19.39 -5.25
N GLU C 57 -17.67 -19.15 -6.18
CA GLU C 57 -17.62 -17.91 -6.93
C GLU C 57 -18.62 -17.92 -8.08
N PRO C 58 -18.95 -16.74 -8.63
CA PRO C 58 -19.74 -16.73 -9.87
C PRO C 58 -19.02 -17.43 -11.02
N SER C 59 -17.68 -17.48 -10.98
CA SER C 59 -16.93 -18.19 -12.00
C SER C 59 -17.09 -19.70 -11.91
N GLY C 60 -17.64 -20.20 -10.80
CA GLY C 60 -17.72 -21.62 -10.56
C GLY C 60 -16.64 -22.16 -9.64
N THR C 61 -15.62 -21.36 -9.35
CA THR C 61 -14.57 -21.79 -8.43
C THR C 61 -15.11 -21.90 -7.01
N ALA C 62 -14.91 -23.07 -6.40
CA ALA C 62 -15.35 -23.32 -5.04
C ALA C 62 -14.20 -23.12 -4.07
N TRP C 63 -14.55 -22.81 -2.81
CA TRP C 63 -13.56 -22.60 -1.76
C TRP C 63 -14.05 -23.29 -0.49
N ASP C 64 -13.30 -24.29 -0.04
CA ASP C 64 -13.62 -25.04 1.15
C ASP C 64 -12.81 -24.52 2.33
N GLY C 65 -13.48 -24.35 3.47
CA GLY C 65 -12.78 -24.01 4.68
C GLY C 65 -12.28 -25.24 5.41
N ASP C 66 -11.49 -24.99 6.46
CA ASP C 66 -11.02 -26.08 7.30
C ASP C 66 -12.16 -26.75 8.07
N SER C 67 -13.35 -26.15 8.09
CA SER C 67 -14.50 -26.77 8.74
C SER C 67 -14.77 -28.16 8.16
N ALA C 68 -14.59 -28.31 6.85
CA ALA C 68 -14.76 -29.59 6.18
C ALA C 68 -14.14 -29.55 4.79
N LYS C 69 -12.83 -29.79 4.72
CA LYS C 69 -12.09 -29.75 3.47
C LYS C 69 -11.69 -31.17 3.08
N GLY C 70 -11.72 -31.44 1.77
CA GLY C 70 -11.42 -32.77 1.26
C GLY C 70 -12.59 -33.72 1.28
N ARG C 71 -13.52 -33.51 2.18
CA ARG C 71 -14.78 -34.24 2.26
C ARG C 71 -15.89 -33.62 1.43
N PHE C 72 -16.07 -32.30 1.50
CA PHE C 72 -17.20 -31.64 0.88
C PHE C 72 -16.79 -31.02 -0.45
N THR C 73 -17.73 -31.01 -1.40
CA THR C 73 -17.55 -30.31 -2.67
C THR C 73 -18.81 -29.49 -2.95
N THR C 74 -18.61 -28.23 -3.33
CA THR C 74 -19.71 -27.32 -3.62
C THR C 74 -19.83 -27.17 -5.14
N SER C 75 -21.00 -27.51 -5.66
CA SER C 75 -21.27 -27.42 -7.09
C SER C 75 -22.47 -26.50 -7.33
N ARG C 76 -22.83 -26.36 -8.60
CA ARG C 76 -23.92 -25.47 -8.98
C ARG C 76 -24.48 -25.91 -10.33
N ASP C 77 -25.81 -25.96 -10.43
CA ASP C 77 -26.50 -26.28 -11.68
C ASP C 77 -27.15 -25.00 -12.19
N ASP C 78 -26.57 -24.42 -13.23
CA ASP C 78 -27.06 -23.14 -13.75
C ASP C 78 -28.43 -23.28 -14.37
N ALA C 79 -28.74 -24.44 -14.98
CA ALA C 79 -30.04 -24.62 -15.62
C ALA C 79 -31.17 -24.59 -14.59
N LYS C 80 -31.09 -25.45 -13.58
CA LYS C 80 -32.11 -25.50 -12.54
C LYS C 80 -31.94 -24.42 -11.49
N ASN C 81 -30.88 -23.60 -11.58
CA ASN C 81 -30.65 -22.49 -10.66
C ASN C 81 -30.56 -22.99 -9.22
N THR C 82 -29.72 -24.00 -9.01
CA THR C 82 -29.65 -24.69 -7.73
C THR C 82 -28.21 -24.89 -7.31
N LEU C 83 -27.92 -24.61 -6.05
CA LEU C 83 -26.61 -24.85 -5.45
C LEU C 83 -26.61 -26.21 -4.75
N TYR C 84 -25.43 -26.81 -4.64
CA TYR C 84 -25.30 -28.14 -4.06
C TYR C 84 -24.12 -28.19 -3.10
N LEU C 85 -24.28 -29.01 -2.06
CA LEU C 85 -23.20 -29.30 -1.09
C LEU C 85 -23.13 -30.81 -0.93
N GLN C 86 -22.13 -31.42 -1.54
CA GLN C 86 -21.94 -32.87 -1.48
C GLN C 86 -21.04 -33.20 -0.30
N MET C 87 -21.63 -33.72 0.78
CA MET C 87 -20.91 -34.04 2.00
C MET C 87 -20.63 -35.54 2.06
N SER C 88 -19.47 -35.89 2.64
CA SER C 88 -19.09 -37.28 2.79
C SER C 88 -18.25 -37.44 4.04
N ASN C 89 -18.18 -38.67 4.54
CA ASN C 89 -17.45 -39.01 5.76
C ASN C 89 -17.90 -38.13 6.92
N LEU C 90 -19.19 -38.22 7.23
CA LEU C 90 -19.80 -37.38 8.24
C LEU C 90 -19.42 -37.83 9.65
N GLN C 91 -19.33 -36.86 10.54
CA GLN C 91 -18.95 -37.07 11.93
C GLN C 91 -19.87 -36.26 12.82
N PRO C 92 -20.04 -36.66 14.09
CA PRO C 92 -20.98 -35.95 14.98
C PRO C 92 -20.71 -34.46 15.10
N GLU C 93 -19.47 -34.03 14.80
CA GLU C 93 -19.16 -32.61 14.77
C GLU C 93 -19.84 -31.88 13.63
N ASP C 94 -20.37 -32.60 12.65
CA ASP C 94 -21.05 -31.99 11.51
C ASP C 94 -22.55 -31.85 11.72
N THR C 95 -23.06 -32.20 12.89
CA THR C 95 -24.50 -32.10 13.14
C THR C 95 -24.89 -30.63 13.33
N GLY C 96 -25.93 -30.21 12.62
CA GLY C 96 -26.44 -28.86 12.77
C GLY C 96 -27.36 -28.50 11.62
N VAL C 97 -27.87 -27.28 11.69
CA VAL C 97 -28.72 -26.73 10.65
C VAL C 97 -27.82 -26.11 9.59
N TYR C 98 -27.97 -26.56 8.35
CA TYR C 98 -27.13 -26.10 7.25
C TYR C 98 -27.91 -25.10 6.40
N TYR C 99 -27.37 -23.90 6.28
CA TYR C 99 -27.99 -22.82 5.51
C TYR C 99 -27.20 -22.56 4.24
N CYS C 100 -27.90 -21.99 3.26
CA CYS C 100 -27.28 -21.44 2.06
C CYS C 100 -27.51 -19.93 2.07
N ALA C 101 -26.42 -19.17 2.15
CA ALA C 101 -26.50 -17.73 2.32
C ALA C 101 -25.68 -17.04 1.24
N THR C 102 -26.14 -15.85 0.84
CA THR C 102 -25.44 -15.05 -0.14
C THR C 102 -24.16 -14.47 0.46
N GLY C 103 -23.23 -14.10 -0.41
CA GLY C 103 -21.95 -13.57 -0.01
C GLY C 103 -20.86 -14.64 0.00
N TYR C 104 -19.64 -14.18 0.29
CA TYR C 104 -18.47 -15.05 0.39
C TYR C 104 -18.06 -15.18 1.84
N ARG C 105 -17.76 -16.41 2.25
CA ARG C 105 -17.31 -16.70 3.62
C ARG C 105 -18.30 -16.16 4.65
N THR C 106 -19.59 -16.33 4.37
CA THR C 106 -20.63 -15.78 5.23
C THR C 106 -20.58 -16.40 6.63
N ASP C 107 -20.22 -15.59 7.63
CA ASP C 107 -20.12 -16.05 9.01
C ASP C 107 -21.33 -15.68 9.86
N THR C 108 -21.94 -14.52 9.63
CA THR C 108 -23.04 -14.04 10.45
C THR C 108 -24.14 -13.48 9.58
N ARG C 109 -25.26 -13.14 10.22
CA ARG C 109 -26.38 -12.51 9.54
C ARG C 109 -26.06 -11.03 9.35
N ILE C 110 -25.90 -10.60 8.11
CA ILE C 110 -25.47 -9.25 7.77
C ILE C 110 -26.60 -8.58 7.01
N PRO C 111 -26.96 -7.34 7.33
CA PRO C 111 -28.01 -6.65 6.58
C PRO C 111 -27.66 -6.55 5.10
N GLY C 112 -28.60 -6.99 4.26
CA GLY C 112 -28.39 -7.12 2.83
C GLY C 112 -28.24 -8.56 2.38
N GLY C 113 -27.68 -9.41 3.23
CA GLY C 113 -27.55 -10.81 2.88
C GLY C 113 -28.88 -11.56 2.97
N SER C 114 -28.98 -12.64 2.22
CA SER C 114 -30.18 -13.45 2.17
C SER C 114 -29.86 -14.87 2.59
N TRP C 115 -30.75 -15.47 3.39
CA TRP C 115 -30.58 -16.82 3.88
C TRP C 115 -31.83 -17.63 3.57
N GLY C 116 -31.65 -18.95 3.53
CA GLY C 116 -32.77 -19.87 3.57
C GLY C 116 -33.14 -20.18 5.01
N GLN C 117 -34.19 -20.99 5.17
CA GLN C 117 -34.61 -21.37 6.50
C GLN C 117 -33.82 -22.56 7.05
N GLY C 118 -32.88 -23.10 6.29
CA GLY C 118 -31.99 -24.13 6.78
C GLY C 118 -32.56 -25.52 6.65
N THR C 119 -31.67 -26.50 6.78
CA THR C 119 -32.04 -27.91 6.77
C THR C 119 -31.21 -28.64 7.83
N GLN C 120 -31.89 -29.46 8.63
CA GLN C 120 -31.24 -30.12 9.74
C GLN C 120 -30.49 -31.36 9.25
N VAL C 121 -29.23 -31.49 9.69
CA VAL C 121 -28.40 -32.64 9.39
C VAL C 121 -27.90 -33.20 10.72
N THR C 122 -28.36 -34.39 11.08
CA THR C 122 -27.96 -35.05 12.31
C THR C 122 -27.26 -36.35 11.98
N VAL C 123 -26.16 -36.61 12.68
CA VAL C 123 -25.39 -37.83 12.44
C VAL C 123 -25.08 -38.56 13.74
N GLN D 3 -2.22 23.45 31.28
CA GLN D 3 -3.57 23.97 31.46
C GLN D 3 -4.30 23.21 32.57
N VAL D 4 -4.79 22.03 32.24
CA VAL D 4 -5.42 21.16 33.23
C VAL D 4 -4.33 20.41 33.98
N GLN D 5 -4.43 20.39 35.30
CA GLN D 5 -3.44 19.71 36.15
C GLN D 5 -4.10 18.61 36.97
N LEU D 6 -3.32 17.56 37.23
CA LEU D 6 -3.75 16.43 38.03
C LEU D 6 -2.75 16.25 39.16
N VAL D 7 -3.23 16.28 40.40
CA VAL D 7 -2.39 16.06 41.57
C VAL D 7 -2.87 14.79 42.28
N GLU D 8 -1.95 13.88 42.53
CA GLU D 8 -2.25 12.61 43.17
C GLU D 8 -1.82 12.64 44.64
N SER D 9 -2.49 11.84 45.45
CA SER D 9 -2.23 11.81 46.88
C SER D 9 -2.45 10.40 47.40
N GLY D 10 -1.98 10.16 48.63
CA GLY D 10 -2.21 8.91 49.31
C GLY D 10 -1.09 7.90 49.22
N GLY D 11 0.11 8.30 48.79
CA GLY D 11 1.22 7.37 48.71
C GLY D 11 2.08 7.39 49.95
N GLY D 12 2.62 6.23 50.29
CA GLY D 12 3.47 6.11 51.45
C GLY D 12 4.04 4.72 51.59
N LEU D 13 4.51 4.41 52.79
CA LEU D 13 5.10 3.11 53.09
C LEU D 13 4.00 2.15 53.55
N VAL D 14 4.18 0.88 53.21
CA VAL D 14 3.23 -0.17 53.59
C VAL D 14 3.97 -1.49 53.65
N GLN D 15 3.47 -2.40 54.48
CA GLN D 15 4.05 -3.73 54.66
C GLN D 15 3.43 -4.72 53.69
N PRO D 16 4.12 -5.83 53.41
CA PRO D 16 3.58 -6.83 52.48
C PRO D 16 2.21 -7.33 52.92
N GLY D 17 1.23 -7.20 52.03
CA GLY D 17 -0.14 -7.55 52.33
C GLY D 17 -1.00 -6.41 52.81
N GLY D 18 -0.44 -5.22 52.98
CA GLY D 18 -1.19 -4.09 53.46
C GLY D 18 -2.10 -3.52 52.37
N SER D 19 -2.59 -2.31 52.64
CA SER D 19 -3.50 -1.64 51.74
C SER D 19 -3.17 -0.16 51.67
N LEU D 20 -3.61 0.47 50.57
CA LEU D 20 -3.42 1.89 50.37
C LEU D 20 -4.56 2.43 49.53
N ARG D 21 -4.80 3.74 49.64
CA ARG D 21 -5.84 4.43 48.88
C ARG D 21 -5.22 5.63 48.19
N LEU D 22 -5.15 5.58 46.86
CA LEU D 22 -4.65 6.69 46.06
C LEU D 22 -5.82 7.51 45.52
N SER D 23 -5.65 8.83 45.50
CA SER D 23 -6.69 9.73 45.01
C SER D 23 -6.05 10.83 44.18
N CYS D 24 -6.79 11.31 43.20
CA CYS D 24 -6.33 12.38 42.33
C CYS D 24 -7.49 13.28 41.96
N VAL D 25 -7.34 14.59 42.22
CA VAL D 25 -8.33 15.60 41.87
C VAL D 25 -7.87 16.30 40.60
N VAL D 26 -8.81 16.54 39.69
CA VAL D 26 -8.52 17.12 38.38
C VAL D 26 -9.24 18.45 38.27
N SER D 27 -8.52 19.48 37.81
CA SER D 27 -9.12 20.78 37.61
C SER D 27 -9.78 20.86 36.25
N GLY D 28 -10.58 21.91 36.06
CA GLY D 28 -11.27 22.14 34.80
C GLY D 28 -12.73 21.78 34.87
N SER D 29 -13.40 21.94 33.74
CA SER D 29 -14.82 21.69 33.61
C SER D 29 -15.13 20.48 32.74
N ASP D 30 -14.13 19.62 32.47
CA ASP D 30 -14.30 18.50 31.54
C ASP D 30 -14.00 17.16 32.19
N PHE D 31 -14.14 17.04 33.51
CA PHE D 31 -13.81 15.78 34.17
C PHE D 31 -14.72 14.64 33.72
N ASN D 32 -15.99 14.93 33.45
CA ASN D 32 -16.91 13.91 32.98
C ASN D 32 -16.56 13.43 31.57
N THR D 33 -15.87 14.25 30.79
CA THR D 33 -15.41 13.82 29.48
C THR D 33 -14.27 12.82 29.56
N TYR D 34 -13.51 12.85 30.66
CA TYR D 34 -12.23 12.15 30.70
C TYR D 34 -12.40 10.65 30.93
N ILE D 35 -11.55 9.86 30.28
CA ILE D 35 -11.37 8.46 30.61
C ILE D 35 -10.21 8.41 31.61
N MET D 36 -10.54 8.38 32.89
CA MET D 36 -9.51 8.47 33.91
C MET D 36 -8.86 7.11 34.12
N GLY D 37 -7.59 7.14 34.54
CA GLY D 37 -6.84 5.92 34.75
C GLY D 37 -5.63 6.15 35.63
N TRP D 38 -5.00 5.04 36.02
CA TRP D 38 -3.80 5.04 36.83
C TRP D 38 -2.73 4.22 36.14
N TYR D 39 -1.55 4.80 35.96
CA TYR D 39 -0.42 4.12 35.34
C TYR D 39 0.77 4.14 36.30
N ARG D 40 1.56 3.06 36.27
CA ARG D 40 2.78 3.00 37.07
C ARG D 40 3.95 3.48 36.22
N GLN D 41 4.55 4.58 36.62
CA GLN D 41 5.62 5.22 35.86
C GLN D 41 6.97 4.75 36.40
N VAL D 42 7.75 4.09 35.55
CA VAL D 42 9.05 3.55 35.90
C VAL D 42 10.07 4.13 34.95
N PRO D 43 11.20 4.67 35.43
CA PRO D 43 12.21 5.21 34.52
C PRO D 43 12.82 4.10 33.65
N GLY D 44 12.98 4.41 32.37
CA GLY D 44 13.51 3.46 31.41
C GLY D 44 12.50 2.50 30.83
N LYS D 45 11.28 2.45 31.38
CA LYS D 45 10.22 1.59 30.88
C LYS D 45 9.00 2.43 30.50
N PRO D 46 8.19 1.95 29.57
CA PRO D 46 6.95 2.67 29.26
C PRO D 46 5.96 2.57 30.40
N ARG D 47 5.06 3.55 30.48
CA ARG D 47 3.99 3.54 31.46
C ARG D 47 3.11 2.31 31.26
N GLU D 48 2.83 1.58 32.33
CA GLU D 48 1.97 0.41 32.27
C GLU D 48 0.63 0.72 32.93
N LEU D 49 -0.44 0.29 32.28
CA LEU D 49 -1.79 0.55 32.78
C LEU D 49 -2.07 -0.29 34.02
N VAL D 50 -2.37 0.37 35.13
CA VAL D 50 -2.80 -0.33 36.34
C VAL D 50 -4.30 -0.52 36.34
N ALA D 51 -5.05 0.56 36.14
CA ALA D 51 -6.50 0.50 36.06
C ALA D 51 -7.02 1.82 35.49
N ASP D 52 -8.04 1.73 34.65
CA ASP D 52 -8.70 2.92 34.11
C ASP D 52 -10.21 2.73 34.18
N ILE D 53 -10.93 3.85 34.07
CA ILE D 53 -12.39 3.85 34.12
C ILE D 53 -12.90 4.80 33.04
N THR D 54 -14.00 4.41 32.39
CA THR D 54 -14.51 5.15 31.25
C THR D 54 -15.47 6.24 31.70
N THR D 55 -16.09 6.91 30.72
CA THR D 55 -16.99 8.02 31.03
C THR D 55 -18.25 7.56 31.75
N GLU D 56 -18.65 6.30 31.54
CA GLU D 56 -19.86 5.78 32.15
C GLU D 56 -19.60 4.85 33.33
N GLY D 57 -18.34 4.54 33.61
CA GLY D 57 -17.98 3.83 34.83
C GLY D 57 -17.46 2.42 34.66
N LYS D 58 -17.25 1.96 33.42
CA LYS D 58 -16.74 0.61 33.22
C LYS D 58 -15.27 0.55 33.60
N THR D 59 -14.93 -0.38 34.50
CA THR D 59 -13.59 -0.49 35.06
C THR D 59 -12.81 -1.57 34.31
N ASN D 60 -11.59 -1.23 33.89
CA ASN D 60 -10.66 -2.16 33.28
C ASN D 60 -9.36 -2.14 34.05
N TYR D 61 -8.77 -3.32 34.24
CA TYR D 61 -7.63 -3.48 35.11
C TYR D 61 -6.47 -4.13 34.36
N GLY D 62 -5.26 -3.95 34.88
CA GLY D 62 -4.07 -4.49 34.29
C GLY D 62 -3.83 -5.93 34.67
N GLY D 63 -2.67 -6.44 34.26
CA GLY D 63 -2.31 -7.82 34.52
C GLY D 63 -1.80 -8.07 35.93
N SER D 64 -1.02 -7.12 36.46
CA SER D 64 -0.44 -7.28 37.78
C SER D 64 -1.44 -7.09 38.90
N VAL D 65 -2.62 -6.52 38.62
CA VAL D 65 -3.56 -6.24 39.70
C VAL D 65 -4.18 -7.54 40.23
N LYS D 66 -4.38 -8.53 39.36
CA LYS D 66 -4.89 -9.85 39.76
C LYS D 66 -6.15 -9.74 40.62
N GLY D 67 -6.99 -8.75 40.30
CA GLY D 67 -8.22 -8.55 41.06
C GLY D 67 -8.01 -8.10 42.49
N ARG D 68 -6.92 -7.37 42.76
CA ARG D 68 -6.66 -6.82 44.09
C ARG D 68 -6.97 -5.34 44.18
N PHE D 69 -7.12 -4.64 43.06
CA PHE D 69 -7.30 -3.21 43.04
C PHE D 69 -8.74 -2.86 42.66
N THR D 70 -9.13 -1.63 42.95
CA THR D 70 -10.45 -1.12 42.62
C THR D 70 -10.32 0.35 42.25
N ILE D 71 -10.86 0.72 41.10
CA ILE D 71 -10.83 2.11 40.63
C ILE D 71 -12.25 2.67 40.69
N SER D 72 -12.37 3.90 41.18
CA SER D 72 -13.64 4.58 41.31
C SER D 72 -13.48 6.03 40.89
N ARG D 73 -14.59 6.64 40.49
CA ARG D 73 -14.58 8.05 40.11
C ARG D 73 -15.80 8.75 40.69
N ASP D 74 -15.58 9.95 41.22
CA ASP D 74 -16.63 10.80 41.77
C ASP D 74 -16.70 12.04 40.88
N ASN D 75 -17.70 12.10 40.00
CA ASN D 75 -17.81 13.22 39.07
C ASN D 75 -18.18 14.51 39.79
N ALA D 76 -18.91 14.41 40.91
CA ALA D 76 -19.29 15.61 41.65
C ALA D 76 -18.11 16.28 42.32
N LYS D 77 -16.99 15.57 42.46
CA LYS D 77 -15.79 16.13 43.06
C LYS D 77 -14.60 16.19 42.11
N ASN D 78 -14.78 15.74 40.86
CA ASN D 78 -13.69 15.69 39.88
C ASN D 78 -12.50 14.92 40.44
N THR D 79 -12.79 13.79 41.06
CA THR D 79 -11.78 12.98 41.75
C THR D 79 -11.89 11.53 41.28
N VAL D 80 -10.74 10.86 41.26
CA VAL D 80 -10.67 9.43 40.98
C VAL D 80 -9.89 8.76 42.09
N TYR D 81 -10.19 7.49 42.33
CA TYR D 81 -9.65 6.75 43.45
C TYR D 81 -9.12 5.41 42.99
N LEU D 82 -7.99 4.99 43.54
CA LEU D 82 -7.39 3.69 43.27
C LEU D 82 -7.16 3.00 44.61
N GLN D 83 -8.02 2.04 44.94
CA GLN D 83 -7.89 1.29 46.18
C GLN D 83 -7.06 0.03 45.93
N MET D 84 -6.03 -0.18 46.74
CA MET D 84 -5.10 -1.27 46.57
C MET D 84 -5.10 -2.16 47.81
N PHE D 85 -5.32 -3.46 47.60
CA PHE D 85 -5.35 -4.44 48.68
C PHE D 85 -4.26 -5.48 48.45
N GLY D 86 -3.78 -6.06 49.55
CA GLY D 86 -2.77 -7.10 49.50
C GLY D 86 -1.56 -6.73 48.69
N LEU D 87 -0.85 -5.69 49.12
CA LEU D 87 0.25 -5.14 48.34
C LEU D 87 1.49 -6.01 48.49
N LYS D 88 2.13 -6.29 47.36
CA LYS D 88 3.39 -7.02 47.27
C LYS D 88 4.52 -6.08 46.86
N PRO D 89 5.77 -6.45 47.14
CA PRO D 89 6.89 -5.57 46.74
C PRO D 89 6.95 -5.30 45.25
N GLU D 90 6.29 -6.12 44.42
CA GLU D 90 6.28 -5.89 42.98
C GLU D 90 5.44 -4.69 42.59
N ASP D 91 4.58 -4.20 43.49
CA ASP D 91 3.69 -3.09 43.19
C ASP D 91 4.30 -1.72 43.46
N ALA D 92 5.50 -1.67 44.03
CA ALA D 92 6.11 -0.39 44.38
C ALA D 92 6.41 0.43 43.13
N GLY D 93 6.54 1.74 43.32
CA GLY D 93 6.86 2.66 42.27
C GLY D 93 5.97 3.89 42.31
N ASN D 94 6.19 4.77 41.34
CA ASN D 94 5.43 6.00 41.22
C ASN D 94 4.15 5.73 40.42
N TYR D 95 3.01 6.12 40.99
CA TYR D 95 1.70 5.90 40.37
C TYR D 95 1.17 7.24 39.86
N VAL D 96 1.04 7.34 38.55
CA VAL D 96 0.64 8.57 37.88
C VAL D 96 -0.79 8.40 37.37
N CYS D 97 -1.61 9.42 37.60
CA CYS D 97 -2.98 9.44 37.09
C CYS D 97 -3.00 10.02 35.69
N ASN D 98 -3.96 9.56 34.88
CA ASN D 98 -4.07 9.94 33.48
C ASN D 98 -5.50 10.35 33.16
N ALA D 99 -5.63 11.39 32.34
CA ALA D 99 -6.93 11.90 31.90
C ALA D 99 -6.95 11.87 30.37
N ASP D 100 -7.59 10.83 29.81
CA ASP D 100 -7.70 10.64 28.38
C ASP D 100 -9.14 10.91 27.94
N TRP D 101 -9.33 11.03 26.62
CA TRP D 101 -10.67 11.20 26.09
C TRP D 101 -10.68 10.80 24.62
N LYS D 102 -11.88 10.49 24.13
CA LYS D 102 -12.05 10.06 22.74
C LYS D 102 -12.05 11.25 21.80
N MET D 103 -11.24 11.16 20.75
CA MET D 103 -11.20 12.15 19.68
C MET D 103 -11.58 11.48 18.38
N GLY D 104 -12.82 11.02 18.30
CA GLY D 104 -13.29 10.32 17.12
C GLY D 104 -12.77 8.91 17.02
N ALA D 105 -12.09 8.59 15.92
CA ALA D 105 -11.56 7.26 15.70
C ALA D 105 -10.43 6.92 16.66
N TRP D 106 -9.75 7.91 17.21
CA TRP D 106 -8.62 7.69 18.11
C TRP D 106 -8.89 8.34 19.46
N THR D 107 -8.20 7.82 20.48
CA THR D 107 -8.25 8.45 21.79
C THR D 107 -7.22 9.57 21.86
N ALA D 108 -7.39 10.45 22.85
CA ALA D 108 -6.50 11.60 22.97
C ALA D 108 -5.08 11.16 23.30
N GLY D 109 -4.93 10.10 24.10
CA GLY D 109 -3.60 9.61 24.43
C GLY D 109 -2.86 9.00 23.26
N ASP D 110 -3.59 8.53 22.24
CA ASP D 110 -2.96 7.99 21.04
C ASP D 110 -2.26 9.05 20.20
N TYR D 111 -2.51 10.33 20.49
CA TYR D 111 -2.01 11.40 19.61
C TYR D 111 -0.59 11.88 19.95
N GLY D 112 -0.24 12.13 21.23
CA GLY D 112 -1.10 12.05 22.40
C GLY D 112 -1.05 13.31 23.22
N ILE D 113 -2.18 14.01 23.30
CA ILE D 113 -2.28 15.27 24.00
C ILE D 113 -3.05 15.13 25.31
N ASP D 114 -3.17 13.91 25.82
CA ASP D 114 -3.85 13.70 27.09
C ASP D 114 -3.00 14.23 28.24
N TYR D 115 -3.63 14.40 29.40
CA TYR D 115 -2.98 14.98 30.56
C TYR D 115 -2.45 13.89 31.48
N TRP D 116 -1.26 14.14 32.04
CA TRP D 116 -0.61 13.23 32.96
C TRP D 116 -0.16 13.98 34.20
N GLY D 117 -0.41 13.39 35.36
CA GLY D 117 0.05 13.97 36.61
C GLY D 117 1.53 13.73 36.84
N LYS D 118 2.00 14.25 37.97
CA LYS D 118 3.38 14.00 38.37
C LYS D 118 3.54 12.70 39.13
N GLY D 119 2.50 12.23 39.80
CA GLY D 119 2.51 10.91 40.42
C GLY D 119 2.74 10.91 41.93
N THR D 120 2.08 10.00 42.62
CA THR D 120 2.31 9.74 44.03
C THR D 120 3.05 8.41 44.18
N LEU D 121 4.03 8.39 45.10
CA LEU D 121 4.94 7.26 45.23
C LEU D 121 4.42 6.27 46.26
N VAL D 122 4.43 4.99 45.90
CA VAL D 122 4.03 3.90 46.78
C VAL D 122 5.25 3.04 47.04
N THR D 123 5.54 2.78 48.32
CA THR D 123 6.73 2.04 48.72
C THR D 123 6.34 0.91 49.67
N VAL D 124 7.08 -0.20 49.55
CA VAL D 124 6.87 -1.39 50.38
C VAL D 124 8.20 -1.76 51.02
N SER D 125 8.12 -2.45 52.15
CA SER D 125 9.31 -2.96 52.83
C SER D 125 9.08 -4.37 53.37
N GLY E 4 -5.14 -4.31 -25.79
CA GLY E 4 -4.29 -5.30 -25.17
C GLY E 4 -3.51 -6.12 -26.17
N SER E 5 -2.53 -6.89 -25.67
CA SER E 5 -1.72 -7.75 -26.52
C SER E 5 -2.48 -8.99 -26.97
N GLN E 6 -3.39 -9.49 -26.12
CA GLN E 6 -4.22 -10.64 -26.44
C GLN E 6 -3.39 -11.89 -26.75
N VAL E 7 -2.63 -12.32 -25.75
CA VAL E 7 -1.90 -13.59 -25.82
C VAL E 7 -2.82 -14.70 -25.32
N GLN E 8 -2.85 -15.81 -26.05
CA GLN E 8 -3.71 -16.93 -25.72
C GLN E 8 -2.88 -18.20 -25.62
N LEU E 9 -3.20 -19.04 -24.64
CA LEU E 9 -2.51 -20.29 -24.38
C LEU E 9 -3.44 -21.46 -24.64
N ALA E 10 -2.91 -22.50 -25.29
CA ALA E 10 -3.71 -23.67 -25.69
C ALA E 10 -3.18 -24.90 -24.98
N GLU E 11 -4.01 -25.50 -24.13
CA GLU E 11 -3.65 -26.68 -23.36
C GLU E 11 -4.19 -27.94 -24.03
N THR E 12 -3.41 -29.02 -23.97
CA THR E 12 -3.80 -30.32 -24.50
C THR E 12 -3.24 -31.43 -23.63
N GLY E 13 -4.02 -32.50 -23.50
CA GLY E 13 -3.51 -33.74 -22.93
C GLY E 13 -3.85 -34.02 -21.49
N GLY E 14 -5.04 -33.66 -21.06
CA GLY E 14 -5.43 -33.94 -19.69
C GLY E 14 -6.67 -34.79 -19.56
N GLY E 15 -6.49 -36.06 -19.16
CA GLY E 15 -7.61 -36.96 -18.98
C GLY E 15 -7.53 -37.78 -17.69
N LEU E 16 -7.96 -39.03 -17.76
CA LEU E 16 -7.97 -39.93 -16.62
C LEU E 16 -6.75 -40.85 -16.67
N VAL E 17 -6.11 -41.02 -15.52
CA VAL E 17 -4.97 -41.92 -15.38
C VAL E 17 -5.10 -42.61 -14.03
N GLN E 18 -4.48 -43.78 -13.93
CA GLN E 18 -4.57 -44.59 -12.73
C GLN E 18 -3.36 -44.34 -11.84
N PRO E 19 -3.50 -44.59 -10.53
CA PRO E 19 -2.38 -44.34 -9.61
C PRO E 19 -1.12 -45.08 -10.04
N GLY E 20 0.01 -44.37 -10.01
CA GLY E 20 1.27 -44.87 -10.49
C GLY E 20 1.58 -44.60 -11.94
N GLY E 21 0.55 -44.35 -12.76
CA GLY E 21 0.76 -44.06 -14.16
C GLY E 21 1.29 -42.66 -14.39
N SER E 22 1.59 -42.38 -15.66
CA SER E 22 2.13 -41.10 -16.08
C SER E 22 1.14 -40.36 -16.96
N LEU E 23 1.45 -39.09 -17.21
CA LEU E 23 0.60 -38.24 -18.06
C LEU E 23 1.41 -37.02 -18.46
N ARG E 24 1.13 -36.52 -19.66
CA ARG E 24 1.84 -35.36 -20.20
C ARG E 24 0.86 -34.28 -20.61
N LEU E 25 1.17 -33.05 -20.26
CA LEU E 25 0.41 -31.88 -20.66
C LEU E 25 1.28 -30.98 -21.51
N SER E 26 0.69 -30.36 -22.52
CA SER E 26 1.40 -29.42 -23.39
C SER E 26 0.61 -28.13 -23.49
N CYS E 27 1.33 -27.03 -23.67
CA CYS E 27 0.73 -25.71 -23.78
C CYS E 27 1.44 -24.92 -24.86
N THR E 28 0.69 -24.50 -25.89
CA THR E 28 1.23 -23.74 -27.00
C THR E 28 0.65 -22.33 -26.98
N ALA E 29 1.52 -21.34 -27.11
CA ALA E 29 1.10 -19.94 -27.11
C ALA E 29 0.85 -19.46 -28.54
N SER E 30 0.15 -18.33 -28.64
CA SER E 30 -0.18 -17.75 -29.93
C SER E 30 0.98 -16.98 -30.55
N THR E 31 2.01 -16.65 -29.77
CA THR E 31 3.14 -15.89 -30.27
C THR E 31 4.42 -16.54 -29.73
N THR E 32 5.58 -16.01 -30.15
CA THR E 32 6.87 -16.53 -29.72
C THR E 32 7.05 -16.40 -28.21
N ILE E 33 7.60 -17.43 -27.58
CA ILE E 33 7.75 -17.47 -26.13
C ILE E 33 9.21 -17.25 -25.73
N SER E 34 9.90 -16.35 -26.43
CA SER E 34 11.30 -16.07 -26.12
C SER E 34 11.45 -15.00 -25.04
N ASP E 35 10.80 -13.85 -25.22
CA ASP E 35 10.87 -12.78 -24.23
C ASP E 35 9.95 -13.01 -23.04
N PHE E 36 9.32 -14.19 -22.95
CA PHE E 36 8.47 -14.49 -21.80
C PHE E 36 9.35 -14.71 -20.57
N TYR E 37 9.15 -13.87 -19.55
CA TYR E 37 9.95 -13.99 -18.33
C TYR E 37 9.86 -15.39 -17.74
N SER E 38 8.66 -15.98 -17.78
CA SER E 38 8.49 -17.35 -17.32
C SER E 38 7.26 -17.93 -17.98
N MET E 39 7.24 -19.27 -18.07
CA MET E 39 6.11 -19.99 -18.63
C MET E 39 6.14 -21.42 -18.09
N GLY E 40 4.99 -21.89 -17.65
CA GLY E 40 4.89 -23.22 -17.08
C GLY E 40 3.50 -23.62 -16.69
N TRP E 41 3.35 -24.33 -15.56
CA TRP E 41 2.08 -24.89 -15.17
C TRP E 41 1.79 -24.61 -13.70
N PHE E 42 0.56 -24.23 -13.43
CA PHE E 42 0.00 -24.19 -12.08
C PHE E 42 -1.13 -25.21 -11.98
N ARG E 43 -1.45 -25.60 -10.74
CA ARG E 43 -2.58 -26.48 -10.52
C ARG E 43 -3.38 -25.97 -9.33
N GLN E 44 -4.69 -26.17 -9.41
CA GLN E 44 -5.62 -25.76 -8.36
C GLN E 44 -6.46 -26.98 -7.98
N THR E 45 -6.08 -27.64 -6.89
CA THR E 45 -6.84 -28.77 -6.40
C THR E 45 -8.24 -28.31 -5.96
N PRO E 46 -9.23 -29.21 -6.03
CA PRO E 46 -10.61 -28.81 -5.71
C PRO E 46 -10.76 -28.17 -4.33
N GLY E 47 -11.28 -26.94 -4.32
CA GLY E 47 -11.56 -26.23 -3.08
C GLY E 47 -10.37 -25.54 -2.44
N ASN E 48 -9.18 -25.62 -3.03
CA ASN E 48 -7.97 -25.05 -2.45
C ASN E 48 -7.41 -23.98 -3.36
N GLN E 49 -6.41 -23.27 -2.84
CA GLN E 49 -5.76 -22.21 -3.60
C GLN E 49 -4.91 -22.80 -4.71
N ARG E 50 -4.72 -22.01 -5.77
CA ARG E 50 -3.88 -22.42 -6.88
C ARG E 50 -2.42 -22.38 -6.47
N GLU E 51 -1.69 -23.46 -6.76
CA GLU E 51 -0.29 -23.59 -6.40
C GLU E 51 0.56 -23.78 -7.65
N LEU E 52 1.82 -23.37 -7.55
CA LEU E 52 2.75 -23.50 -8.67
C LEU E 52 3.23 -24.93 -8.78
N VAL E 53 3.14 -25.49 -9.99
CA VAL E 53 3.66 -26.83 -10.27
C VAL E 53 5.12 -26.70 -10.69
N ALA E 54 5.35 -26.14 -11.87
CA ALA E 54 6.71 -25.95 -12.38
C ALA E 54 6.68 -24.94 -13.53
N ILE E 55 7.60 -23.98 -13.50
CA ILE E 55 7.76 -23.01 -14.57
C ILE E 55 9.24 -22.90 -14.89
N VAL E 56 9.53 -22.41 -16.09
CA VAL E 56 10.89 -22.16 -16.55
C VAL E 56 10.99 -20.69 -16.97
N ARG E 57 12.19 -20.13 -16.82
CA ARG E 57 12.41 -18.72 -17.11
C ARG E 57 13.20 -18.56 -18.41
N ARG E 58 13.55 -17.31 -18.72
CA ARG E 58 14.21 -17.01 -19.99
C ARG E 58 15.53 -17.75 -20.14
N GLY E 59 16.29 -17.88 -19.04
CA GLY E 59 17.58 -18.54 -19.11
C GLY E 59 17.49 -20.06 -19.16
N GLY E 60 16.43 -20.64 -18.64
CA GLY E 60 16.27 -22.09 -18.60
C GLY E 60 16.18 -22.68 -17.21
N ASP E 61 16.36 -21.89 -16.15
CA ASP E 61 16.21 -22.41 -14.81
C ASP E 61 14.74 -22.70 -14.50
N THR E 62 14.50 -23.79 -13.78
CA THR E 62 13.16 -24.25 -13.48
C THR E 62 12.84 -24.04 -12.01
N LYS E 63 11.68 -23.46 -11.73
CA LYS E 63 11.18 -23.26 -10.38
C LYS E 63 9.98 -24.18 -10.16
N SER E 64 10.02 -24.98 -9.10
CA SER E 64 8.99 -25.98 -8.85
C SER E 64 8.53 -25.94 -7.40
N GLY E 65 7.26 -26.32 -7.19
CA GLY E 65 6.73 -26.50 -5.85
C GLY E 65 7.27 -27.75 -5.18
N ASP E 66 6.97 -27.87 -3.89
CA ASP E 66 7.54 -28.93 -3.06
C ASP E 66 6.78 -30.25 -3.13
N SER E 67 5.60 -30.28 -3.76
CA SER E 67 4.70 -31.42 -3.62
C SER E 67 4.72 -32.37 -4.82
N VAL E 68 5.75 -32.27 -5.67
CA VAL E 68 5.81 -33.13 -6.87
C VAL E 68 7.24 -33.58 -7.13
N LYS E 69 8.05 -33.66 -6.08
CA LYS E 69 9.46 -33.99 -6.27
C LYS E 69 9.62 -35.41 -6.79
N GLY E 70 10.57 -35.60 -7.71
CA GLY E 70 10.83 -36.90 -8.27
C GLY E 70 9.77 -37.41 -9.21
N ARG E 71 8.88 -36.52 -9.68
CA ARG E 71 7.75 -36.94 -10.50
C ARG E 71 7.44 -36.00 -11.65
N PHE E 72 7.58 -34.69 -11.46
CA PHE E 72 7.10 -33.70 -12.43
C PHE E 72 8.29 -33.07 -13.14
N THR E 73 8.46 -33.40 -14.41
CA THR E 73 9.52 -32.85 -15.25
C THR E 73 8.92 -31.91 -16.29
N ILE E 74 9.62 -30.82 -16.56
CA ILE E 74 9.14 -29.79 -17.48
C ILE E 74 10.24 -29.44 -18.47
N SER E 75 9.83 -29.10 -19.68
CA SER E 75 10.76 -28.63 -20.71
C SER E 75 10.06 -27.56 -21.54
N ARG E 76 10.85 -26.63 -22.07
CA ARG E 76 10.34 -25.55 -22.88
C ARG E 76 11.06 -25.53 -24.23
N ASP E 77 10.31 -25.26 -25.29
CA ASP E 77 10.85 -25.13 -26.64
C ASP E 77 10.43 -23.76 -27.18
N ASN E 78 11.41 -22.87 -27.36
CA ASN E 78 11.11 -21.53 -27.88
C ASN E 78 10.75 -21.56 -29.35
N THR E 79 11.37 -22.45 -30.13
CA THR E 79 11.14 -22.47 -31.57
C THR E 79 9.70 -22.88 -31.90
N ARG E 80 9.16 -23.85 -31.17
CA ARG E 80 7.79 -24.29 -31.36
C ARG E 80 6.79 -23.57 -30.46
N SER E 81 7.28 -22.74 -29.54
CA SER E 81 6.42 -21.94 -28.66
C SER E 81 5.49 -22.84 -27.83
N THR E 82 6.08 -23.86 -27.20
CA THR E 82 5.31 -24.84 -26.45
C THR E 82 6.08 -25.26 -25.21
N VAL E 83 5.35 -25.43 -24.10
CA VAL E 83 5.90 -25.95 -22.85
C VAL E 83 5.24 -27.30 -22.58
N TYR E 84 6.06 -28.29 -22.24
CA TYR E 84 5.58 -29.64 -21.99
C TYR E 84 5.80 -29.99 -20.52
N LEU E 85 4.78 -30.58 -19.89
CA LEU E 85 4.85 -31.02 -18.50
C LEU E 85 4.65 -32.52 -18.44
N GLN E 86 5.63 -33.23 -17.91
CA GLN E 86 5.56 -34.67 -17.71
C GLN E 86 5.40 -34.96 -16.23
N MET E 87 4.51 -35.89 -15.90
CA MET E 87 4.16 -36.21 -14.52
C MET E 87 4.17 -37.73 -14.35
N ASP E 88 5.00 -38.23 -13.44
CA ASP E 88 5.13 -39.65 -13.19
C ASP E 88 4.69 -39.99 -11.77
N ASN E 89 4.52 -41.29 -11.53
CA ASN E 89 4.14 -41.81 -10.21
C ASN E 89 2.96 -41.05 -9.62
N LEU E 90 1.91 -40.93 -10.43
CA LEU E 90 0.78 -40.07 -10.06
C LEU E 90 -0.02 -40.69 -8.93
N LYS E 91 -0.29 -39.89 -7.91
CA LYS E 91 -1.07 -40.14 -6.71
C LYS E 91 -2.43 -39.47 -6.82
N PRO E 92 -3.45 -40.00 -6.14
CA PRO E 92 -4.79 -39.38 -6.22
C PRO E 92 -4.83 -37.95 -5.69
N GLU E 93 -3.86 -37.55 -4.86
CA GLU E 93 -3.80 -36.17 -4.41
C GLU E 93 -3.53 -35.20 -5.57
N ASP E 94 -2.92 -35.70 -6.65
CA ASP E 94 -2.60 -34.87 -7.81
C ASP E 94 -3.82 -34.57 -8.67
N THR E 95 -5.00 -35.03 -8.27
CA THR E 95 -6.23 -34.71 -9.01
C THR E 95 -6.54 -33.23 -8.85
N ALA E 96 -6.45 -32.49 -9.95
CA ALA E 96 -6.61 -31.05 -9.92
C ALA E 96 -6.84 -30.53 -11.34
N VAL E 97 -7.19 -29.25 -11.42
CA VAL E 97 -7.24 -28.54 -12.69
C VAL E 97 -5.88 -27.91 -12.92
N TYR E 98 -5.26 -28.22 -14.05
CA TYR E 98 -3.92 -27.75 -14.37
C TYR E 98 -4.01 -26.60 -15.37
N TYR E 99 -3.59 -25.42 -14.94
CA TYR E 99 -3.65 -24.21 -15.75
C TYR E 99 -2.29 -23.92 -16.35
N CYS E 100 -2.26 -23.64 -17.66
CA CYS E 100 -1.05 -23.13 -18.28
C CYS E 100 -0.82 -21.69 -17.83
N TYR E 101 0.45 -21.30 -17.79
CA TYR E 101 0.80 -20.00 -17.21
C TYR E 101 1.94 -19.39 -18.00
N ALA E 102 1.85 -18.08 -18.23
CA ALA E 102 2.89 -17.32 -18.91
C ALA E 102 3.00 -15.95 -18.26
N ASN E 103 4.21 -15.58 -17.86
CA ASN E 103 4.49 -14.28 -17.24
C ASN E 103 5.36 -13.48 -18.19
N LEU E 104 4.83 -12.36 -18.67
CA LEU E 104 5.55 -11.52 -19.61
C LEU E 104 6.03 -10.24 -18.92
N GLN E 105 6.74 -10.39 -17.81
CA GLN E 105 7.30 -9.25 -17.10
C GLN E 105 8.33 -8.55 -17.97
N LYS E 106 8.18 -7.23 -18.12
CA LYS E 106 9.26 -6.43 -18.67
C LYS E 106 10.35 -6.19 -17.65
N SER E 107 10.01 -6.26 -16.37
CA SER E 107 10.94 -6.08 -15.27
C SER E 107 10.29 -6.61 -14.00
N SER E 108 11.08 -6.69 -12.93
CA SER E 108 10.55 -6.99 -11.62
C SER E 108 9.88 -5.78 -10.97
N ASP E 109 9.87 -4.63 -11.66
CA ASP E 109 9.29 -3.43 -11.11
C ASP E 109 7.76 -3.49 -11.12
N GLU E 110 7.18 -4.00 -12.20
CA GLU E 110 5.74 -4.18 -12.33
C GLU E 110 5.39 -5.65 -12.33
N LEU E 111 4.29 -6.00 -11.67
CA LEU E 111 3.75 -7.35 -11.72
C LEU E 111 3.26 -7.61 -13.15
N GLY E 112 4.18 -8.06 -14.00
CA GLY E 112 3.97 -8.12 -15.43
C GLY E 112 2.73 -8.91 -15.83
N PRO E 113 2.31 -8.71 -17.09
CA PRO E 113 1.08 -9.37 -17.57
C PRO E 113 1.11 -10.88 -17.40
N TYR E 114 0.13 -11.41 -16.67
CA TYR E 114 -0.01 -12.84 -16.46
C TYR E 114 -1.08 -13.37 -17.41
N TYR E 115 -0.77 -14.46 -18.09
CA TYR E 115 -1.70 -15.12 -19.00
C TYR E 115 -1.91 -16.55 -18.55
N TRP E 116 -3.17 -16.98 -18.50
CA TRP E 116 -3.54 -18.29 -17.98
C TRP E 116 -4.31 -19.06 -19.03
N GLY E 117 -4.10 -20.38 -19.06
CA GLY E 117 -4.95 -21.24 -19.85
C GLY E 117 -6.32 -21.43 -19.22
N GLN E 118 -7.25 -21.95 -20.01
CA GLN E 118 -8.62 -22.13 -19.54
C GLN E 118 -8.78 -23.25 -18.54
N GLY E 119 -7.73 -24.04 -18.29
CA GLY E 119 -7.82 -25.11 -17.32
C GLY E 119 -8.01 -26.48 -17.93
N THR E 120 -7.25 -27.46 -17.46
CA THR E 120 -7.30 -28.82 -18.00
C THR E 120 -7.40 -29.80 -16.85
N GLN E 121 -8.48 -30.58 -16.83
CA GLN E 121 -8.75 -31.49 -15.72
C GLN E 121 -7.87 -32.73 -15.80
N VAL E 122 -7.23 -33.08 -14.69
CA VAL E 122 -6.46 -34.30 -14.56
C VAL E 122 -7.00 -35.03 -13.33
N THR E 123 -7.67 -36.16 -13.57
CA THR E 123 -8.24 -36.97 -12.50
C THR E 123 -7.51 -38.30 -12.41
N VAL E 124 -7.15 -38.70 -11.19
CA VAL E 124 -6.43 -39.95 -10.93
C VAL E 124 -7.26 -40.76 -9.94
N SER E 125 -7.77 -41.91 -10.39
CA SER E 125 -8.58 -42.76 -9.53
C SER E 125 -8.50 -44.20 -10.02
N SER E 126 -8.68 -45.13 -9.10
CA SER E 126 -8.63 -46.55 -9.44
C SER E 126 -10.00 -47.05 -9.90
N LEU F 7 27.68 -10.78 -16.06
CA LEU F 7 28.35 -11.86 -15.35
C LEU F 7 28.61 -13.05 -16.27
N GLN F 8 29.70 -13.76 -16.02
CA GLN F 8 30.04 -14.95 -16.78
C GLN F 8 30.56 -16.03 -15.83
N LEU F 9 30.01 -17.23 -15.95
CA LEU F 9 30.45 -18.38 -15.16
C LEU F 9 30.97 -19.45 -16.12
N VAL F 10 32.16 -19.98 -15.80
CA VAL F 10 32.74 -21.08 -16.56
C VAL F 10 32.86 -22.28 -15.64
N GLU F 11 32.30 -23.42 -16.06
CA GLU F 11 32.33 -24.64 -15.28
C GLU F 11 33.43 -25.57 -15.77
N SER F 12 33.82 -26.50 -14.91
CA SER F 12 34.92 -27.41 -15.24
C SER F 12 34.82 -28.66 -14.38
N GLY F 13 35.31 -29.77 -14.94
CA GLY F 13 35.61 -30.94 -14.14
C GLY F 13 34.49 -31.95 -13.95
N GLY F 14 33.60 -32.11 -14.92
CA GLY F 14 32.58 -33.13 -14.87
C GLY F 14 33.05 -34.44 -15.47
N GLY F 15 32.07 -35.30 -15.78
CA GLY F 15 32.39 -36.53 -16.49
C GLY F 15 31.86 -37.80 -15.87
N LEU F 16 32.56 -38.91 -16.11
CA LEU F 16 32.15 -40.24 -15.68
C LEU F 16 33.02 -40.71 -14.53
N VAL F 17 32.40 -41.35 -13.55
CA VAL F 17 33.10 -41.83 -12.36
C VAL F 17 32.61 -43.23 -12.01
N GLN F 18 33.54 -44.08 -11.58
CA GLN F 18 33.17 -45.36 -11.01
C GLN F 18 32.46 -45.14 -9.67
N PRO F 19 31.52 -46.00 -9.32
CA PRO F 19 30.84 -45.85 -8.01
C PRO F 19 31.85 -45.93 -6.87
N GLY F 20 31.79 -44.94 -5.99
CA GLY F 20 32.76 -44.80 -4.92
C GLY F 20 33.91 -43.87 -5.23
N GLY F 21 34.09 -43.50 -6.50
CA GLY F 21 35.16 -42.60 -6.88
C GLY F 21 34.87 -41.16 -6.47
N SER F 22 35.69 -40.26 -6.99
CA SER F 22 35.63 -38.85 -6.61
C SER F 22 35.64 -37.97 -7.84
N LEU F 23 35.04 -36.79 -7.71
CA LEU F 23 35.02 -35.78 -8.75
C LEU F 23 35.06 -34.40 -8.10
N ARG F 24 35.78 -33.48 -8.74
CA ARG F 24 35.92 -32.11 -8.25
C ARG F 24 35.41 -31.17 -9.33
N LEU F 25 34.29 -30.50 -9.05
CA LEU F 25 33.74 -29.52 -9.97
C LEU F 25 34.32 -28.14 -9.68
N SER F 26 34.41 -27.33 -10.73
CA SER F 26 34.97 -25.99 -10.63
C SER F 26 34.04 -25.00 -11.30
N CYS F 27 34.09 -23.75 -10.85
CA CYS F 27 33.28 -22.68 -11.44
C CYS F 27 33.92 -21.34 -11.10
N ALA F 28 34.21 -20.55 -12.12
CA ALA F 28 34.83 -19.24 -11.96
C ALA F 28 33.84 -18.14 -12.34
N ALA F 29 33.78 -17.11 -11.51
CA ALA F 29 32.89 -15.98 -11.72
C ALA F 29 33.68 -14.78 -12.23
N SER F 30 32.95 -13.80 -12.77
CA SER F 30 33.54 -12.66 -13.45
C SER F 30 33.65 -11.42 -12.56
N GLY F 31 33.37 -11.55 -11.27
CA GLY F 31 33.48 -10.40 -10.38
C GLY F 31 34.46 -10.64 -9.24
N ASN F 32 34.03 -10.37 -8.02
CA ASN F 32 34.82 -10.67 -6.83
C ASN F 32 33.86 -11.14 -5.74
N ILE F 33 34.43 -11.48 -4.58
CA ILE F 33 33.60 -11.97 -3.47
C ILE F 33 32.68 -10.89 -2.94
N PHE F 34 33.01 -9.62 -3.17
CA PHE F 34 32.13 -8.53 -2.75
C PHE F 34 30.98 -8.33 -3.72
N SER F 35 31.19 -8.65 -4.99
CA SER F 35 30.11 -8.58 -5.99
C SER F 35 29.21 -9.80 -5.90
N ILE F 36 29.80 -10.99 -5.89
CA ILE F 36 29.06 -12.24 -5.84
C ILE F 36 29.00 -12.69 -4.38
N TYR F 37 27.79 -12.74 -3.82
CA TYR F 37 27.64 -13.03 -2.40
C TYR F 37 27.72 -14.52 -2.10
N TYR F 38 27.12 -15.36 -2.96
CA TYR F 38 27.16 -16.80 -2.76
C TYR F 38 27.48 -17.49 -4.07
N MET F 39 28.12 -18.65 -3.94
CA MET F 39 28.37 -19.54 -5.07
C MET F 39 28.09 -20.97 -4.64
N GLY F 40 27.69 -21.80 -5.59
CA GLY F 40 27.40 -23.19 -5.27
C GLY F 40 26.99 -24.02 -6.46
N TRP F 41 26.26 -25.11 -6.17
CA TRP F 41 25.89 -26.07 -7.20
C TRP F 41 24.49 -26.62 -6.93
N TYR F 42 23.69 -26.72 -7.98
CA TYR F 42 22.45 -27.48 -7.98
C TYR F 42 22.58 -28.63 -8.95
N ARG F 43 21.69 -29.62 -8.82
CA ARG F 43 21.71 -30.77 -9.71
C ARG F 43 20.29 -31.11 -10.15
N GLN F 44 20.15 -31.46 -11.43
CA GLN F 44 18.87 -31.86 -12.00
C GLN F 44 18.94 -33.36 -12.29
N ALA F 45 18.20 -34.14 -11.50
CA ALA F 45 18.09 -35.57 -11.71
C ALA F 45 17.36 -35.84 -13.03
N PRO F 46 17.37 -37.09 -13.52
CA PRO F 46 16.59 -37.39 -14.73
C PRO F 46 15.12 -37.00 -14.63
N GLY F 47 14.53 -37.09 -13.44
CA GLY F 47 13.14 -36.75 -13.28
C GLY F 47 12.77 -36.27 -11.90
N LYS F 48 13.66 -35.48 -11.25
CA LYS F 48 13.46 -35.07 -9.86
C LYS F 48 13.87 -33.62 -9.64
N GLN F 49 13.10 -32.71 -10.22
CA GLN F 49 13.16 -31.26 -9.97
C GLN F 49 14.59 -30.76 -10.15
N ARG F 50 15.09 -29.94 -9.20
CA ARG F 50 16.46 -29.42 -9.26
C ARG F 50 16.93 -29.22 -7.82
N GLU F 51 17.49 -30.28 -7.25
CA GLU F 51 17.92 -30.24 -5.86
C GLU F 51 19.13 -29.33 -5.67
N MET F 52 19.28 -28.80 -4.46
CA MET F 52 20.44 -28.01 -4.09
C MET F 52 21.50 -28.94 -3.51
N VAL F 53 22.71 -28.84 -4.03
CA VAL F 53 23.81 -29.70 -3.59
C VAL F 53 24.61 -29.00 -2.49
N ALA F 54 25.20 -27.86 -2.82
CA ALA F 54 26.03 -27.15 -1.87
C ALA F 54 26.09 -25.68 -2.26
N ILE F 55 25.99 -24.80 -1.27
CA ILE F 55 26.09 -23.36 -1.45
C ILE F 55 26.98 -22.82 -0.34
N ILE F 56 27.98 -22.02 -0.72
CA ILE F 56 28.86 -21.35 0.23
C ILE F 56 28.65 -19.85 0.12
N ASN F 57 28.75 -19.15 1.25
CA ASN F 57 28.54 -17.73 1.33
C ASN F 57 29.88 -17.00 1.38
N SER F 58 29.84 -15.69 1.09
CA SER F 58 31.04 -14.87 1.24
C SER F 58 31.42 -14.70 2.70
N ASN F 59 30.50 -14.94 3.63
CA ASN F 59 30.78 -14.97 5.05
C ASN F 59 31.24 -16.33 5.53
N GLY F 60 31.38 -17.30 4.63
CA GLY F 60 31.76 -18.64 5.01
C GLY F 60 30.62 -19.55 5.41
N ILE F 61 29.38 -19.09 5.28
CA ILE F 61 28.22 -19.92 5.63
C ILE F 61 27.99 -20.93 4.52
N THR F 62 27.89 -22.20 4.89
CA THR F 62 27.72 -23.30 3.95
C THR F 62 26.37 -23.98 4.19
N ASN F 63 25.79 -24.48 3.10
CA ASN F 63 24.57 -25.27 3.17
C ASN F 63 24.66 -26.41 2.17
N TYR F 64 24.46 -27.64 2.66
CA TYR F 64 24.47 -28.83 1.83
C TYR F 64 23.09 -29.46 1.81
N GLY F 65 22.75 -30.11 0.70
CA GLY F 65 21.54 -30.88 0.63
C GLY F 65 21.57 -32.07 1.57
N ASP F 66 20.37 -32.54 1.93
CA ASP F 66 20.27 -33.67 2.86
C ASP F 66 20.86 -34.94 2.27
N PHE F 67 20.95 -35.04 0.95
CA PHE F 67 21.54 -36.22 0.32
C PHE F 67 23.06 -36.22 0.35
N VAL F 68 23.68 -35.08 0.60
CA VAL F 68 25.15 -35.00 0.60
C VAL F 68 25.72 -35.86 1.72
N LYS F 69 25.28 -35.62 2.94
CA LYS F 69 25.70 -36.41 4.11
C LYS F 69 27.21 -36.39 4.29
N GLY F 70 27.76 -35.17 4.36
CA GLY F 70 29.19 -35.00 4.58
C GLY F 70 30.10 -35.55 3.49
N ARG F 71 29.56 -36.03 2.38
CA ARG F 71 30.44 -36.55 1.34
C ARG F 71 31.06 -35.44 0.49
N PHE F 72 30.28 -34.41 0.20
CA PHE F 72 30.74 -33.30 -0.63
C PHE F 72 31.13 -32.12 0.26
N THR F 73 32.22 -31.45 -0.09
CA THR F 73 32.66 -30.25 0.60
C THR F 73 32.88 -29.15 -0.43
N ILE F 74 32.29 -27.99 -0.21
CA ILE F 74 32.38 -26.86 -1.12
C ILE F 74 33.36 -25.85 -0.56
N SER F 75 34.29 -25.39 -1.41
CA SER F 75 35.29 -24.41 -1.05
C SER F 75 35.18 -23.22 -2.00
N ARG F 76 35.82 -22.11 -1.60
CA ARG F 76 35.79 -20.90 -2.40
C ARG F 76 37.13 -20.19 -2.30
N ASP F 77 37.74 -19.90 -3.45
CA ASP F 77 38.97 -19.13 -3.51
C ASP F 77 38.60 -17.65 -3.64
N ASN F 78 38.87 -16.87 -2.60
CA ASN F 78 38.48 -15.46 -2.59
C ASN F 78 39.30 -14.65 -3.59
N ALA F 79 40.55 -15.03 -3.82
CA ALA F 79 41.41 -14.24 -4.70
C ALA F 79 40.91 -14.28 -6.14
N GLU F 80 40.64 -15.47 -6.66
CA GLU F 80 40.21 -15.63 -8.04
C GLU F 80 38.69 -15.76 -8.18
N ASN F 81 37.95 -15.66 -7.08
CA ASN F 81 36.48 -15.67 -7.09
C ASN F 81 35.94 -16.89 -7.82
N SER F 82 36.35 -18.07 -7.35
CA SER F 82 35.93 -19.32 -7.95
C SER F 82 35.62 -20.33 -6.86
N ALA F 83 34.64 -21.19 -7.11
CA ALA F 83 34.21 -22.20 -6.16
C ALA F 83 34.59 -23.59 -6.66
N TYR F 84 34.84 -24.49 -5.73
CA TYR F 84 35.15 -25.88 -6.02
C TYR F 84 34.29 -26.78 -5.15
N LEU F 85 33.84 -27.89 -5.74
CA LEU F 85 33.00 -28.87 -5.05
C LEU F 85 33.69 -30.22 -5.13
N GLN F 86 34.30 -30.64 -4.02
CA GLN F 86 34.96 -31.94 -3.94
C GLN F 86 33.92 -32.98 -3.58
N MET F 87 33.62 -33.88 -4.51
CA MET F 87 32.58 -34.90 -4.33
C MET F 87 33.25 -36.26 -4.14
N ASN F 88 33.10 -36.84 -2.96
CA ASN F 88 33.66 -38.13 -2.62
C ASN F 88 32.56 -39.16 -2.41
N ASN F 89 32.89 -40.43 -2.66
CA ASN F 89 31.96 -41.54 -2.48
C ASN F 89 30.68 -41.32 -3.29
N LEU F 90 30.85 -41.03 -4.58
CA LEU F 90 29.71 -40.78 -5.45
C LEU F 90 28.97 -42.08 -5.74
N THR F 91 27.67 -42.08 -5.49
CA THR F 91 26.77 -43.21 -5.71
C THR F 91 26.02 -43.03 -7.02
N PRO F 92 25.57 -44.12 -7.64
CA PRO F 92 24.81 -44.00 -8.90
C PRO F 92 23.63 -43.04 -8.83
N GLU F 93 23.00 -42.88 -7.67
CA GLU F 93 21.90 -41.95 -7.54
C GLU F 93 22.36 -40.49 -7.48
N ASP F 94 23.66 -40.24 -7.59
CA ASP F 94 24.17 -38.89 -7.79
C ASP F 94 24.30 -38.53 -9.26
N THR F 95 23.89 -39.42 -10.16
CA THR F 95 23.94 -39.16 -11.60
C THR F 95 22.94 -38.07 -11.95
N ALA F 96 23.45 -36.92 -12.38
CA ALA F 96 22.62 -35.78 -12.74
C ALA F 96 23.49 -34.78 -13.48
N VAL F 97 22.89 -33.69 -13.93
CA VAL F 97 23.62 -32.56 -14.49
C VAL F 97 23.75 -31.51 -13.40
N TYR F 98 24.98 -31.12 -13.11
CA TYR F 98 25.27 -30.20 -12.01
C TYR F 98 25.46 -28.79 -12.56
N TYR F 99 24.60 -27.88 -12.14
CA TYR F 99 24.63 -26.49 -12.59
C TYR F 99 25.35 -25.62 -11.56
N CYS F 100 26.32 -24.85 -12.02
CA CYS F 100 26.95 -23.86 -11.15
C CYS F 100 25.99 -22.70 -10.89
N ASN F 101 25.94 -22.26 -9.64
CA ASN F 101 25.04 -21.20 -9.23
C ASN F 101 25.84 -20.06 -8.61
N ALA F 102 25.39 -18.83 -8.85
CA ALA F 102 26.04 -17.64 -8.31
C ALA F 102 24.98 -16.60 -8.01
N GLY F 103 25.27 -15.76 -7.02
CA GLY F 103 24.36 -14.70 -6.63
C GLY F 103 25.04 -13.35 -6.56
N LYS F 104 24.58 -12.41 -7.38
CA LYS F 104 25.16 -11.08 -7.43
C LYS F 104 24.43 -10.17 -6.46
N LEU F 105 25.20 -9.49 -5.60
CA LEU F 105 24.62 -8.58 -4.61
C LEU F 105 24.05 -7.36 -5.31
N ARG F 106 22.83 -6.97 -4.95
CA ARG F 106 22.13 -5.88 -5.59
C ARG F 106 21.64 -4.88 -4.54
N ARG F 107 21.59 -3.61 -4.96
CA ARG F 107 21.15 -2.52 -4.09
C ARG F 107 20.25 -1.55 -4.87
N THR F 108 19.90 -1.89 -6.12
CA THR F 108 19.21 -0.94 -7.00
C THR F 108 17.91 -0.45 -6.37
N THR F 109 17.01 -1.37 -6.02
CA THR F 109 15.75 -1.02 -5.39
C THR F 109 15.66 -1.65 -4.01
N GLY F 110 16.71 -1.49 -3.22
CA GLY F 110 16.85 -2.17 -1.95
C GLY F 110 17.80 -3.36 -2.05
N TRP F 111 18.09 -3.94 -0.90
CA TRP F 111 18.99 -5.09 -0.85
C TRP F 111 18.35 -6.29 -1.53
N GLY F 112 19.14 -6.97 -2.35
CA GLY F 112 18.62 -8.12 -3.07
C GLY F 112 19.76 -8.93 -3.67
N LEU F 113 19.39 -10.09 -4.20
CA LEU F 113 20.34 -11.00 -4.83
C LEU F 113 19.78 -11.46 -6.17
N ASP F 114 20.62 -11.46 -7.19
CA ASP F 114 20.25 -11.91 -8.53
C ASP F 114 20.81 -13.31 -8.76
N ASP F 115 19.92 -14.26 -9.01
CA ASP F 115 20.31 -15.63 -9.27
C ASP F 115 20.79 -15.76 -10.71
N TYR F 116 22.06 -16.14 -10.88
CA TYR F 116 22.65 -16.36 -12.19
C TYR F 116 23.18 -17.79 -12.24
N TRP F 117 22.82 -18.52 -13.30
CA TRP F 117 23.15 -19.93 -13.44
C TRP F 117 24.19 -20.14 -14.52
N GLY F 118 24.72 -21.37 -14.56
CA GLY F 118 25.70 -21.76 -15.53
C GLY F 118 25.13 -22.71 -16.58
N GLN F 119 26.02 -23.14 -17.48
CA GLN F 119 25.60 -24.02 -18.57
C GLN F 119 25.22 -25.41 -18.05
N GLY F 120 25.95 -25.92 -17.06
CA GLY F 120 25.67 -27.23 -16.52
C GLY F 120 26.56 -28.30 -17.10
N THR F 121 27.16 -29.12 -16.23
CA THR F 121 28.08 -30.17 -16.63
C THR F 121 27.52 -31.52 -16.19
N GLN F 122 27.57 -32.50 -17.08
CA GLN F 122 27.02 -33.82 -16.80
C GLN F 122 27.94 -34.61 -15.90
N VAL F 123 27.35 -35.30 -14.92
CA VAL F 123 28.07 -36.20 -14.02
C VAL F 123 27.33 -37.52 -14.00
N THR F 124 28.01 -38.59 -14.38
CA THR F 124 27.42 -39.92 -14.46
C THR F 124 28.24 -40.89 -13.64
N VAL F 125 27.62 -41.46 -12.60
CA VAL F 125 28.25 -42.47 -11.76
C VAL F 125 27.76 -43.82 -12.26
N SER F 126 28.59 -44.52 -13.03
CA SER F 126 28.17 -45.77 -13.64
C SER F 126 29.39 -46.61 -14.00
N SER F 127 29.24 -47.92 -13.85
CA SER F 127 30.22 -48.90 -14.32
C SER F 127 29.66 -50.31 -14.15
N GLN G 6 9.09 35.23 10.26
CA GLN G 6 8.07 35.12 9.24
C GLN G 6 8.69 35.20 7.85
N VAL G 7 8.07 35.94 6.93
CA VAL G 7 8.50 35.91 5.53
C VAL G 7 8.03 37.19 4.85
N GLN G 8 8.86 37.72 3.95
CA GLN G 8 8.53 38.90 3.17
C GLN G 8 9.40 38.94 1.93
N LEU G 9 9.13 39.93 1.07
CA LEU G 9 9.86 40.12 -0.18
C LEU G 9 10.47 41.52 -0.20
N VAL G 10 11.52 41.67 -1.00
CA VAL G 10 12.22 42.94 -1.17
C VAL G 10 12.58 43.11 -2.64
N GLU G 11 12.38 44.32 -3.15
CA GLU G 11 12.68 44.65 -4.54
C GLU G 11 13.81 45.67 -4.62
N SER G 12 14.40 45.77 -5.80
CA SER G 12 15.45 46.76 -6.06
C SER G 12 15.20 47.50 -7.36
N PRO G 19 13.21 56.21 -22.37
CA PRO G 19 12.72 55.73 -23.66
C PRO G 19 13.79 54.99 -24.46
N GLY G 20 13.47 53.78 -24.91
CA GLY G 20 14.45 52.98 -25.62
C GLY G 20 15.69 52.67 -24.80
N GLY G 21 15.53 52.50 -23.48
CA GLY G 21 16.65 52.32 -22.59
C GLY G 21 16.67 50.97 -21.91
N SER G 22 17.61 50.80 -20.99
CA SER G 22 17.81 49.54 -20.27
C SER G 22 17.50 49.72 -18.79
N LEU G 23 16.84 48.71 -18.22
CA LEU G 23 16.58 48.67 -16.78
C LEU G 23 16.57 47.23 -16.32
N ARG G 24 17.10 46.99 -15.12
CA ARG G 24 17.18 45.65 -14.53
C ARG G 24 16.50 45.65 -13.17
N LEU G 25 15.46 44.83 -13.03
CA LEU G 25 14.74 44.70 -11.77
C LEU G 25 15.11 43.39 -11.09
N SER G 26 15.04 43.38 -9.76
CA SER G 26 15.34 42.19 -8.99
C SER G 26 14.42 42.13 -7.77
N CYS G 27 14.20 40.91 -7.28
CA CYS G 27 13.33 40.68 -6.13
C CYS G 27 13.90 39.52 -5.33
N ALA G 28 14.10 39.73 -4.03
CA ALA G 28 14.67 38.73 -3.16
C ALA G 28 13.66 38.33 -2.09
N ALA G 29 13.63 37.03 -1.78
CA ALA G 29 12.79 36.48 -0.73
C ALA G 29 13.62 36.18 0.49
N SER G 30 12.99 36.24 1.66
CA SER G 30 13.69 36.04 2.92
C SER G 30 12.74 35.41 3.93
N GLY G 31 13.28 35.08 5.09
CA GLY G 31 12.51 34.45 6.15
C GLY G 31 12.74 32.96 6.24
N SER G 32 11.79 32.29 6.89
CA SER G 32 11.85 30.84 7.03
C SER G 32 11.13 30.23 5.84
N ILE G 33 11.86 30.03 4.75
CA ILE G 33 11.29 29.54 3.50
C ILE G 33 11.59 28.06 3.34
N PHE G 34 10.56 27.27 3.08
CA PHE G 34 10.70 25.86 2.73
C PHE G 34 10.29 25.71 1.27
N SER G 35 11.24 25.97 0.37
CA SER G 35 11.08 25.84 -1.08
C SER G 35 10.18 26.93 -1.67
N ILE G 36 10.49 27.34 -2.90
CA ILE G 36 9.70 28.31 -3.65
C ILE G 36 9.38 27.69 -5.00
N TYR G 37 8.12 27.82 -5.43
CA TYR G 37 7.67 27.13 -6.63
C TYR G 37 7.85 27.97 -7.90
N ALA G 38 7.27 29.16 -7.93
CA ALA G 38 7.36 30.01 -9.11
C ALA G 38 7.38 31.47 -8.69
N MET G 39 8.25 32.24 -9.33
CA MET G 39 8.35 33.66 -9.10
C MET G 39 8.06 34.40 -10.40
N GLY G 40 7.50 35.60 -10.29
CA GLY G 40 7.15 36.35 -11.47
C GLY G 40 7.00 37.81 -11.15
N TRP G 41 6.97 38.61 -12.22
CA TRP G 41 6.74 40.04 -12.12
C TRP G 41 5.34 40.35 -12.62
N TYR G 42 4.66 41.28 -11.96
CA TYR G 42 3.31 41.68 -12.32
C TYR G 42 3.25 43.20 -12.44
N ARG G 43 2.36 43.69 -13.30
CA ARG G 43 2.30 45.11 -13.63
C ARG G 43 0.86 45.55 -13.71
N GLN G 44 0.55 46.67 -13.04
CA GLN G 44 -0.81 47.21 -13.00
C GLN G 44 -0.85 48.67 -13.45
N GLN G 49 -5.85 47.79 -13.32
CA GLN G 49 -5.86 46.34 -13.53
C GLN G 49 -4.45 45.81 -13.74
N ARG G 50 -4.14 44.70 -13.08
CA ARG G 50 -2.80 44.12 -13.12
C ARG G 50 -2.77 42.92 -14.07
N GLU G 51 -1.74 42.88 -14.92
CA GLU G 51 -1.51 41.80 -15.87
C GLU G 51 -0.13 41.20 -15.65
N LEU G 52 0.04 39.99 -16.17
CA LEU G 52 1.31 39.29 -16.05
C LEU G 52 2.28 39.81 -17.10
N VAL G 53 3.55 39.91 -16.71
CA VAL G 53 4.58 40.40 -17.64
C VAL G 53 5.63 39.33 -17.85
N ALA G 54 5.88 38.51 -16.82
CA ALA G 54 6.89 37.46 -16.91
C ALA G 54 6.76 36.55 -15.69
N ALA G 55 6.94 35.24 -15.91
CA ALA G 55 6.81 34.26 -14.85
C ALA G 55 7.82 33.14 -15.07
N ILE G 56 8.74 32.98 -14.12
CA ILE G 56 9.78 31.96 -14.19
C ILE G 56 9.46 30.87 -13.16
N SER G 57 9.67 29.62 -13.55
CA SER G 57 9.47 28.48 -12.67
C SER G 57 10.79 28.09 -12.00
N SER G 58 10.72 27.11 -11.11
CA SER G 58 11.91 26.64 -10.41
C SER G 58 12.83 25.80 -11.30
N TYR G 59 12.35 25.40 -12.48
CA TYR G 59 13.15 24.62 -13.42
C TYR G 59 13.65 25.44 -14.61
N GLY G 60 13.31 26.72 -14.68
CA GLY G 60 13.71 27.55 -15.79
C GLY G 60 12.64 27.79 -16.84
N SER G 61 11.40 27.41 -16.56
CA SER G 61 10.31 27.60 -17.51
C SER G 61 9.81 29.05 -17.44
N THR G 62 9.70 29.68 -18.61
CA THR G 62 9.31 31.08 -18.70
C THR G 62 7.97 31.22 -19.41
N ASN G 63 7.26 32.30 -19.09
CA ASN G 63 6.02 32.65 -19.76
C ASN G 63 5.90 34.17 -19.75
N TYR G 64 5.99 34.78 -20.93
CA TYR G 64 5.90 36.22 -21.08
C TYR G 64 4.57 36.61 -21.71
N ALA G 65 4.13 37.83 -21.42
CA ALA G 65 3.03 38.42 -22.15
C ALA G 65 3.53 38.95 -23.49
N ASP G 66 2.61 39.04 -24.46
CA ASP G 66 2.98 39.49 -25.80
C ASP G 66 3.53 40.90 -25.81
N SER G 67 3.20 41.71 -24.81
CA SER G 67 3.61 43.11 -24.81
C SER G 67 5.13 43.25 -24.73
N VAL G 68 5.77 42.41 -23.93
CA VAL G 68 7.20 42.53 -23.64
C VAL G 68 8.00 41.35 -24.19
N LYS G 69 7.40 40.55 -25.08
CA LYS G 69 8.09 39.39 -25.61
C LYS G 69 9.32 39.82 -26.41
N GLY G 70 10.44 39.19 -26.14
CA GLY G 70 11.69 39.48 -26.83
C GLY G 70 12.60 40.48 -26.16
N ARG G 71 12.05 41.62 -25.72
CA ARG G 71 12.86 42.65 -25.10
C ARG G 71 12.96 42.53 -23.59
N PHE G 72 12.11 41.72 -22.97
CA PHE G 72 12.21 41.44 -21.54
C PHE G 72 12.78 40.04 -21.33
N THR G 73 13.70 39.93 -20.37
CA THR G 73 14.32 38.66 -20.04
C THR G 73 14.19 38.45 -18.54
N ILE G 74 13.55 37.34 -18.15
CA ILE G 74 13.38 36.97 -16.75
C ILE G 74 14.33 35.82 -16.44
N SER G 75 15.03 35.92 -15.32
CA SER G 75 15.95 34.90 -14.88
C SER G 75 15.82 34.74 -13.37
N ARG G 76 16.49 33.72 -12.82
CA ARG G 76 16.26 33.36 -11.44
C ARG G 76 17.46 32.58 -10.91
N ASP G 77 17.81 32.84 -9.65
CA ASP G 77 18.84 32.09 -8.93
C ASP G 77 18.20 31.50 -7.69
N ASN G 78 18.18 30.17 -7.60
CA ASN G 78 17.50 29.50 -6.51
C ASN G 78 18.32 29.49 -5.22
N ALA G 79 19.66 29.45 -5.33
CA ALA G 79 20.49 29.46 -4.13
C ALA G 79 20.36 30.76 -3.36
N LYS G 80 19.98 31.85 -4.02
CA LYS G 80 19.76 33.13 -3.36
C LYS G 80 18.29 33.53 -3.27
N ASN G 81 17.39 32.75 -3.90
CA ASN G 81 15.96 33.03 -3.89
C ASN G 81 15.66 34.41 -4.45
N THR G 82 16.30 34.74 -5.57
CA THR G 82 16.16 36.04 -6.22
C THR G 82 15.77 35.84 -7.68
N VAL G 83 14.84 36.68 -8.14
CA VAL G 83 14.40 36.69 -9.53
C VAL G 83 14.89 37.99 -10.16
N TYR G 84 15.27 37.93 -11.43
CA TYR G 84 15.80 39.07 -12.16
C TYR G 84 14.96 39.34 -13.40
N LEU G 85 14.75 40.62 -13.69
CA LEU G 85 13.99 41.04 -14.87
C LEU G 85 14.82 42.09 -15.62
N GLN G 86 15.41 41.69 -16.74
CA GLN G 86 16.20 42.59 -17.58
C GLN G 86 15.28 43.21 -18.62
N MET G 87 15.03 44.51 -18.50
CA MET G 87 14.13 45.24 -19.38
C MET G 87 14.95 46.13 -20.32
N ASN G 88 14.76 45.96 -21.62
CA ASN G 88 15.46 46.74 -22.63
C ASN G 88 14.49 47.23 -23.68
N SER G 89 14.80 48.38 -24.27
CA SER G 89 14.02 48.97 -25.35
C SER G 89 12.55 49.18 -24.92
N LEU G 90 12.37 50.05 -23.94
CA LEU G 90 11.03 50.37 -23.43
C LEU G 90 10.35 51.39 -24.33
N GLU G 93 4.24 52.63 -22.94
CA GLU G 93 3.14 51.71 -22.66
C GLU G 93 3.47 50.79 -21.49
N ASP G 94 4.76 50.68 -21.18
CA ASP G 94 5.23 49.83 -20.10
C ASP G 94 5.39 50.55 -18.78
N THR G 95 5.03 51.82 -18.71
CA THR G 95 5.20 52.61 -17.49
C THR G 95 4.05 52.33 -16.54
N ALA G 96 4.34 51.62 -15.46
CA ALA G 96 3.35 51.28 -14.44
C ALA G 96 4.09 50.71 -13.23
N VAL G 97 3.34 50.20 -12.26
CA VAL G 97 3.91 49.64 -11.03
C VAL G 97 4.26 48.17 -11.29
N TYR G 98 5.53 47.83 -11.07
CA TYR G 98 6.03 46.47 -11.33
C TYR G 98 6.06 45.72 -10.00
N TYR G 99 5.13 44.79 -9.82
CA TYR G 99 5.04 44.00 -8.61
C TYR G 99 5.86 42.72 -8.74
N CYS G 100 6.27 42.18 -7.59
CA CYS G 100 6.98 40.92 -7.50
C CYS G 100 6.07 39.89 -6.84
N ASN G 101 5.84 38.77 -7.52
CA ASN G 101 5.04 37.68 -7.01
C ASN G 101 5.92 36.44 -6.85
N ALA G 102 5.67 35.70 -5.78
CA ALA G 102 6.44 34.48 -5.50
C ALA G 102 5.56 33.51 -4.72
N ASP G 103 5.42 32.29 -5.24
CA ASP G 103 4.65 31.24 -4.57
C ASP G 103 5.59 30.53 -3.60
N ILE G 104 5.64 31.02 -2.38
CA ILE G 104 6.55 30.54 -1.36
C ILE G 104 5.82 29.59 -0.44
N ALA G 105 6.40 28.41 -0.22
CA ALA G 105 5.84 27.43 0.71
C ALA G 105 6.53 27.57 2.05
N THR G 106 5.75 27.82 3.09
CA THR G 106 6.27 27.75 4.45
C THR G 106 6.10 26.34 5.00
N MET G 107 6.80 26.06 6.10
CA MET G 107 6.76 24.73 6.67
C MET G 107 5.38 24.38 7.23
N THR G 108 4.57 25.39 7.56
CA THR G 108 3.22 25.17 8.05
C THR G 108 2.16 25.20 6.94
N ALA G 109 2.55 25.60 5.72
CA ALA G 109 1.64 25.62 4.57
C ALA G 109 2.44 25.19 3.34
N VAL G 110 2.62 23.88 3.20
CA VAL G 110 3.40 23.34 2.09
C VAL G 110 2.64 23.53 0.79
N GLY G 111 3.33 24.09 -0.21
CA GLY G 111 2.76 24.22 -1.55
C GLY G 111 1.57 25.14 -1.64
N GLY G 112 1.73 26.40 -1.24
CA GLY G 112 0.61 27.32 -1.33
C GLY G 112 1.01 28.73 -0.96
N PHE G 113 0.05 29.64 -1.20
CA PHE G 113 0.11 31.05 -0.81
C PHE G 113 1.09 31.85 -1.65
N ASP G 114 0.56 32.82 -2.40
CA ASP G 114 1.37 33.76 -3.15
C ASP G 114 1.82 34.90 -2.25
N TYR G 115 2.93 35.53 -2.62
CA TYR G 115 3.50 36.64 -1.86
C TYR G 115 3.78 37.81 -2.78
N TRP G 116 3.72 39.01 -2.21
CA TRP G 116 3.90 40.24 -2.97
C TRP G 116 4.88 41.16 -2.26
N GLY G 117 5.28 42.22 -2.95
CA GLY G 117 6.07 43.29 -2.36
C GLY G 117 5.32 44.59 -2.38
N GLN G 118 6.04 45.71 -2.41
CA GLN G 118 5.38 47.02 -2.50
C GLN G 118 5.25 47.50 -3.94
N GLY G 119 6.23 47.19 -4.79
CA GLY G 119 6.18 47.62 -6.18
C GLY G 119 6.96 48.89 -6.44
N THR G 120 7.88 48.85 -7.39
CA THR G 120 8.73 49.98 -7.72
C THR G 120 8.33 50.57 -9.07
N GLN G 121 8.75 51.82 -9.29
CA GLN G 121 8.45 52.53 -10.53
C GLN G 121 9.50 52.23 -11.60
ZN ZN H . 12.34 3.03 -2.13
#